data_6FYZ
#
_entry.id   6FYZ
#
_cell.length_a   105.530
_cell.length_b   105.530
_cell.length_c   88.860
_cell.angle_alpha   90.00
_cell.angle_beta   90.00
_cell.angle_gamma   120.00
#
_symmetry.space_group_name_H-M   'P 32'
#
loop_
_entity.id
_entity.type
_entity.pdbx_description
1 polymer 'Histone deacetylase 4'
2 non-polymer (2~{S})-2-(2-fluorophenyl)-2-[4-(2-methylpyrimidin-5-yl)phenyl]-~{N}-oxidanyl-ethanamide
3 non-polymer 'ZINC ION'
4 non-polymer 'SODIUM ION'
5 water water
#
_entity_poly.entity_id   1
_entity_poly.type   'polypeptide(L)'
_entity_poly.pdbx_seq_one_letter_code
;MGSTKPRFTTGLVYDTLMLKHQCTCGSSSSHPEHAGRIQSIWSRLQETGLRGKCECIRGRKATLEELQTVHSEAHTLLYG
TNPLNRQKLDSKKLLGSLASVFVRLPCGGVGVDSDTIWNEVHSAGAARLAVGCVVELVFKVATGELKNGFAVVRPPGHHA
EESTPMGFCYFNSVAVAAKLLQQRLSVSKILIVDWDVHHGNGTQQAFYSDPSVLYMSLHRYDDGNFFPGSGAPDEVGTGP
GVGFNVNMAFTGGLDPPMGDAEYLAAFRTVVMPIASEFAPDVVLVSSGFDAVEGHPTPLGGYNLSARCFGYLTKQLMGLA
GGRIVLALEGGHDLTAICDASEACVSALLGNELDPLPEKVLQQRPNANAVRSMEKVMEIHSKYWRCLQRHHHHHH
;
_entity_poly.pdbx_strand_id   A,B,C
#
loop_
_chem_comp.id
_chem_comp.type
_chem_comp.name
_chem_comp.formula
EBE non-polymer (2~{S})-2-(2-fluorophenyl)-2-[4-(2-methylpyrimidin-5-yl)phenyl]-~{N}-oxidanyl-ethanamide 'C19 H16 F N3 O2'
NA non-polymer 'SODIUM ION' 'Na 1'
ZN non-polymer 'ZINC ION' 'Zn 2'
#
# COMPACT_ATOMS: atom_id res chain seq x y z
N PRO A 6 24.63 -17.43 -22.07
CA PRO A 6 23.75 -18.58 -22.34
C PRO A 6 23.10 -18.52 -23.72
N ARG A 7 23.19 -19.63 -24.47
CA ARG A 7 22.74 -19.68 -25.88
C ARG A 7 21.28 -19.21 -26.07
N PHE A 8 21.03 -18.46 -27.14
CA PHE A 8 19.70 -17.92 -27.42
C PHE A 8 18.83 -19.01 -28.06
N THR A 9 18.31 -19.88 -27.21
CA THR A 9 17.46 -21.00 -27.62
C THR A 9 16.43 -21.29 -26.53
N THR A 10 15.66 -22.36 -26.72
CA THR A 10 14.64 -22.76 -25.76
C THR A 10 15.24 -23.17 -24.42
N GLY A 11 14.61 -22.68 -23.35
CA GLY A 11 15.00 -23.00 -21.98
C GLY A 11 14.13 -24.09 -21.39
N LEU A 12 14.72 -24.92 -20.54
CA LEU A 12 14.00 -25.89 -19.74
C LEU A 12 14.37 -25.69 -18.28
N VAL A 13 13.41 -25.87 -17.39
CA VAL A 13 13.74 -25.96 -15.96
C VAL A 13 13.06 -27.16 -15.34
N TYR A 14 13.85 -27.89 -14.56
CA TYR A 14 13.43 -29.09 -13.84
C TYR A 14 14.27 -29.15 -12.57
N ASP A 15 13.79 -29.82 -11.54
CA ASP A 15 14.58 -30.04 -10.33
C ASP A 15 14.07 -31.26 -9.59
N THR A 16 14.99 -32.17 -9.27
CA THR A 16 14.63 -33.45 -8.64
C THR A 16 14.00 -33.28 -7.27
N LEU A 17 14.31 -32.19 -6.56
CA LEU A 17 13.69 -31.96 -5.25
C LEU A 17 12.18 -31.69 -5.30
N MET A 18 11.67 -31.29 -6.46
CA MET A 18 10.20 -31.28 -6.70
C MET A 18 9.55 -32.69 -6.68
N LEU A 19 10.35 -33.75 -6.88
CA LEU A 19 9.86 -35.13 -6.74
C LEU A 19 9.48 -35.46 -5.29
N LYS A 20 10.06 -34.75 -4.32
CA LYS A 20 9.88 -35.03 -2.92
C LYS A 20 8.61 -34.45 -2.29
N HIS A 21 7.85 -33.64 -3.04
CA HIS A 21 6.44 -33.38 -2.71
C HIS A 21 5.68 -34.65 -3.05
N GLN A 22 5.68 -35.58 -2.10
CA GLN A 22 5.14 -36.93 -2.30
C GLN A 22 4.68 -37.44 -0.94
N CYS A 23 3.54 -38.12 -0.92
CA CYS A 23 3.10 -38.79 0.30
C CYS A 23 4.05 -39.94 0.63
N THR A 24 4.24 -40.18 1.92
CA THR A 24 5.17 -41.20 2.40
C THR A 24 4.75 -42.64 2.01
N CYS A 25 3.46 -42.87 1.75
CA CYS A 25 2.98 -44.14 1.18
C CYS A 25 3.57 -44.40 -0.23
N GLY A 26 3.87 -43.33 -0.97
CA GLY A 26 4.56 -43.42 -2.26
C GLY A 26 3.75 -43.91 -3.45
N SER A 27 2.41 -43.91 -3.32
CA SER A 27 1.52 -44.45 -4.36
C SER A 27 1.03 -43.36 -5.33
N SER A 28 1.06 -43.70 -6.63
CA SER A 28 0.43 -42.88 -7.67
C SER A 28 -1.09 -42.96 -7.58
N SER A 29 -1.60 -44.18 -7.35
CA SER A 29 -3.05 -44.48 -7.31
C SER A 29 -3.83 -43.53 -6.41
N SER A 30 -3.41 -43.44 -5.16
CA SER A 30 -4.15 -42.72 -4.13
C SER A 30 -3.98 -41.18 -4.19
N HIS A 31 -3.02 -40.69 -4.99
CA HIS A 31 -2.77 -39.24 -5.14
C HIS A 31 -2.39 -38.93 -6.60
N PRO A 32 -3.35 -38.46 -7.43
CA PRO A 32 -3.05 -38.28 -8.86
C PRO A 32 -2.04 -37.17 -9.23
N GLU A 33 -1.78 -36.23 -8.33
CA GLU A 33 -0.71 -35.26 -8.52
C GLU A 33 0.57 -35.81 -7.90
N HIS A 34 1.28 -36.65 -8.65
CA HIS A 34 2.45 -37.41 -8.16
C HIS A 34 3.76 -37.15 -8.92
N ALA A 35 4.86 -37.49 -8.27
CA ALA A 35 6.22 -37.23 -8.75
C ALA A 35 6.47 -37.71 -10.17
N GLY A 36 5.91 -38.87 -10.49
CA GLY A 36 6.07 -39.48 -11.81
C GLY A 36 5.60 -38.65 -12.99
N ARG A 37 4.78 -37.62 -12.74
CA ARG A 37 4.35 -36.69 -13.79
C ARG A 37 5.54 -35.93 -14.38
N ILE A 38 6.35 -35.30 -13.55
CA ILE A 38 7.52 -34.56 -14.07
C ILE A 38 8.69 -35.49 -14.39
N GLN A 39 8.84 -36.58 -13.63
CA GLN A 39 9.91 -37.55 -13.90
C GLN A 39 9.78 -38.13 -15.31
N SER A 40 8.57 -38.50 -15.70
CA SER A 40 8.32 -39.08 -17.00
C SER A 40 8.49 -38.07 -18.15
N ILE A 41 8.05 -36.83 -17.95
CA ILE A 41 8.22 -35.79 -18.97
C ILE A 41 9.70 -35.53 -19.22
N TRP A 42 10.47 -35.44 -18.14
CA TRP A 42 11.89 -35.13 -18.21
C TRP A 42 12.67 -36.18 -19.01
N SER A 43 12.42 -37.45 -18.71
CA SER A 43 13.06 -38.55 -19.44
C SER A 43 12.58 -38.66 -20.89
N ARG A 44 11.31 -38.30 -21.15
CA ARG A 44 10.80 -38.23 -22.53
C ARG A 44 11.54 -37.19 -23.38
N LEU A 45 11.81 -36.02 -22.79
CA LEU A 45 12.58 -34.98 -23.48
C LEU A 45 14.06 -35.38 -23.66
N GLN A 46 14.60 -36.13 -22.69
CA GLN A 46 15.93 -36.73 -22.83
C GLN A 46 15.94 -37.74 -24.00
N GLU A 47 15.04 -38.72 -23.94
CA GLU A 47 14.96 -39.81 -24.94
C GLU A 47 14.84 -39.31 -26.38
N THR A 48 14.02 -38.30 -26.58
CA THR A 48 13.78 -37.72 -27.91
C THR A 48 14.90 -36.76 -28.38
N GLY A 49 15.95 -36.56 -27.57
CA GLY A 49 17.03 -35.64 -27.90
C GLY A 49 16.68 -34.16 -27.83
N LEU A 50 15.53 -33.82 -27.25
CA LEU A 50 15.08 -32.42 -27.17
C LEU A 50 15.79 -31.67 -26.03
N ARG A 51 16.06 -32.37 -24.93
CA ARG A 51 16.86 -31.80 -23.83
C ARG A 51 18.23 -31.29 -24.28
N GLY A 52 18.89 -32.04 -25.17
CA GLY A 52 20.19 -31.66 -25.71
C GLY A 52 20.20 -30.45 -26.65
N LYS A 53 19.05 -30.15 -27.26
CA LYS A 53 18.88 -28.92 -28.05
C LYS A 53 18.44 -27.70 -27.21
N CYS A 54 18.17 -27.90 -25.92
CA CYS A 54 17.68 -26.85 -25.02
C CYS A 54 18.75 -26.44 -24.02
N GLU A 55 18.67 -25.21 -23.54
CA GLU A 55 19.46 -24.76 -22.38
C GLU A 55 18.71 -25.14 -21.11
N CYS A 56 19.28 -26.05 -20.32
CA CYS A 56 18.66 -26.48 -19.07
C CYS A 56 19.18 -25.59 -17.95
N ILE A 57 18.32 -24.71 -17.43
CA ILE A 57 18.74 -23.73 -16.42
C ILE A 57 18.50 -24.20 -15.00
N ARG A 58 19.35 -23.72 -14.08
CA ARG A 58 19.25 -24.07 -12.67
C ARG A 58 18.12 -23.25 -12.05
N GLY A 59 17.35 -23.90 -11.18
CA GLY A 59 16.24 -23.27 -10.47
C GLY A 59 16.63 -22.99 -9.04
N ARG A 60 15.71 -22.40 -8.29
CA ARG A 60 15.94 -22.05 -6.90
C ARG A 60 14.60 -21.99 -6.20
N LYS A 61 14.65 -21.88 -4.88
CA LYS A 61 13.46 -21.66 -4.09
C LYS A 61 13.08 -20.19 -4.16
N ALA A 62 11.78 -19.92 -4.30
CA ALA A 62 11.26 -18.58 -4.16
C ALA A 62 11.43 -18.14 -2.71
N THR A 63 11.80 -16.88 -2.52
CA THR A 63 11.84 -16.28 -1.19
C THR A 63 10.39 -16.09 -0.71
N LEU A 64 10.21 -16.02 0.59
CA LEU A 64 8.90 -15.71 1.16
C LEU A 64 8.36 -14.36 0.65
N GLU A 65 9.26 -13.38 0.50
CA GLU A 65 8.98 -12.05 -0.09
C GLU A 65 8.39 -12.17 -1.51
N GLU A 66 9.00 -12.98 -2.37
CA GLU A 66 8.49 -13.23 -3.73
C GLU A 66 7.11 -13.86 -3.73
N LEU A 67 6.89 -14.83 -2.86
CA LEU A 67 5.58 -15.47 -2.71
C LEU A 67 4.51 -14.49 -2.25
N GLN A 68 4.91 -13.51 -1.44
CA GLN A 68 4.00 -12.49 -0.93
C GLN A 68 3.59 -11.43 -1.96
N THR A 69 4.12 -11.47 -3.18
CA THR A 69 3.54 -10.69 -4.29
C THR A 69 2.13 -11.15 -4.65
N VAL A 70 1.80 -12.42 -4.35
CA VAL A 70 0.47 -12.98 -4.60
C VAL A 70 -0.25 -13.40 -3.31
N HIS A 71 0.47 -14.02 -2.37
CA HIS A 71 -0.18 -14.63 -1.21
C HIS A 71 0.03 -13.86 0.06
N SER A 72 -0.90 -14.01 0.98
CA SER A 72 -0.79 -13.38 2.29
C SER A 72 0.41 -13.97 3.02
N GLU A 73 1.01 -13.17 3.89
CA GLU A 73 2.14 -13.60 4.75
C GLU A 73 1.84 -14.93 5.46
N ALA A 74 0.68 -15.01 6.10
CA ALA A 74 0.28 -16.21 6.86
C ALA A 74 0.28 -17.47 5.99
N HIS A 75 -0.24 -17.35 4.78
CA HIS A 75 -0.25 -18.47 3.82
C HIS A 75 1.15 -18.90 3.39
N THR A 76 2.04 -17.94 3.16
CA THR A 76 3.42 -18.24 2.76
C THR A 76 4.22 -18.85 3.90
N LEU A 77 3.96 -18.44 5.14
CA LEU A 77 4.59 -19.07 6.31
C LEU A 77 4.09 -20.50 6.48
N LEU A 78 2.78 -20.70 6.34
CA LEU A 78 2.16 -22.00 6.60
C LEU A 78 2.61 -23.11 5.64
N TYR A 79 2.71 -22.81 4.34
CA TYR A 79 3.13 -23.81 3.35
C TYR A 79 4.54 -23.57 2.76
N GLY A 80 5.26 -22.55 3.25
CA GLY A 80 6.62 -22.23 2.76
C GLY A 80 7.77 -22.47 3.74
N THR A 81 7.45 -22.85 4.97
CA THR A 81 8.43 -23.18 6.01
C THR A 81 7.94 -24.43 6.74
N ASN A 82 8.84 -25.20 7.34
CA ASN A 82 8.43 -26.36 8.15
C ASN A 82 9.25 -26.60 9.42
N PRO A 83 9.10 -25.72 10.43
CA PRO A 83 9.62 -26.02 11.77
C PRO A 83 8.89 -27.18 12.47
N LEU A 84 9.42 -27.61 13.62
CA LEU A 84 8.87 -28.76 14.35
C LEU A 84 7.91 -28.34 15.46
N ILE A 117 -2.15 -33.97 -0.31
CA ILE A 117 -0.92 -34.46 0.30
C ILE A 117 -0.05 -33.33 0.84
N TRP A 118 0.59 -33.59 1.97
CA TRP A 118 1.61 -32.68 2.47
C TRP A 118 2.76 -33.46 3.10
N ASN A 119 3.92 -33.44 2.45
CA ASN A 119 5.10 -34.05 3.02
C ASN A 119 5.71 -33.09 4.04
N GLU A 120 5.66 -33.53 5.29
CA GLU A 120 6.13 -32.77 6.45
C GLU A 120 7.61 -32.37 6.39
N VAL A 121 8.42 -33.05 5.57
CA VAL A 121 9.83 -32.68 5.37
C VAL A 121 10.11 -31.82 4.14
N HIS A 122 9.56 -32.20 2.98
CA HIS A 122 10.00 -31.65 1.67
C HIS A 122 9.02 -30.78 0.87
N SER A 123 7.73 -30.80 1.22
CA SER A 123 6.70 -30.09 0.43
C SER A 123 6.90 -28.56 0.40
N ALA A 124 7.20 -27.97 1.55
CA ALA A 124 7.45 -26.52 1.61
C ALA A 124 8.56 -26.08 0.67
N GLY A 125 9.67 -26.82 0.70
CA GLY A 125 10.77 -26.58 -0.22
C GLY A 125 10.37 -26.83 -1.65
N ALA A 126 9.67 -27.95 -1.90
CA ALA A 126 9.29 -28.30 -3.27
C ALA A 126 8.33 -27.26 -3.88
N ALA A 127 7.30 -26.85 -3.12
CA ALA A 127 6.36 -25.82 -3.58
C ALA A 127 7.06 -24.52 -3.92
N ARG A 128 8.04 -24.14 -3.09
CA ARG A 128 8.84 -22.95 -3.34
C ARG A 128 9.74 -23.07 -4.56
N LEU A 129 10.32 -24.26 -4.74
CA LEU A 129 11.10 -24.59 -5.95
C LEU A 129 10.28 -24.42 -7.22
N ALA A 130 9.05 -24.94 -7.23
CA ALA A 130 8.20 -24.81 -8.43
C ALA A 130 8.05 -23.34 -8.85
N VAL A 131 7.82 -22.47 -7.86
CA VAL A 131 7.64 -21.05 -8.11
C VAL A 131 8.94 -20.46 -8.62
N GLY A 132 10.03 -20.72 -7.92
CA GLY A 132 11.33 -20.18 -8.28
C GLY A 132 11.91 -20.65 -9.60
N CYS A 133 11.65 -21.92 -9.95
CA CYS A 133 12.00 -22.45 -11.28
C CYS A 133 11.27 -21.70 -12.38
N VAL A 134 9.96 -21.50 -12.20
CA VAL A 134 9.18 -20.75 -13.19
C VAL A 134 9.71 -19.32 -13.30
N VAL A 135 9.93 -18.68 -12.15
CA VAL A 135 10.43 -17.30 -12.09
C VAL A 135 11.77 -17.17 -12.83
N GLU A 136 12.71 -18.08 -12.55
CA GLU A 136 14.02 -18.04 -13.20
C GLU A 136 13.91 -18.11 -14.71
N LEU A 137 13.18 -19.11 -15.21
CA LEU A 137 12.97 -19.27 -16.65
C LEU A 137 12.27 -18.06 -17.25
N VAL A 138 11.25 -17.55 -16.57
CA VAL A 138 10.49 -16.37 -17.05
C VAL A 138 11.39 -15.15 -17.25
N PHE A 139 12.27 -14.88 -16.28
CA PHE A 139 13.17 -13.72 -16.37
C PHE A 139 14.20 -13.84 -17.50
N LYS A 140 14.76 -15.04 -17.69
CA LYS A 140 15.70 -15.29 -18.78
C LYS A 140 15.09 -15.03 -20.16
N VAL A 141 13.81 -15.41 -20.31
CA VAL A 141 13.08 -15.13 -21.52
C VAL A 141 12.70 -13.64 -21.65
N ALA A 142 12.16 -13.05 -20.57
CA ALA A 142 11.74 -11.64 -20.57
C ALA A 142 12.90 -10.67 -20.88
N THR A 143 14.09 -10.95 -20.34
CA THR A 143 15.29 -10.17 -20.61
C THR A 143 15.97 -10.40 -21.99
N GLY A 144 15.56 -11.43 -22.74
CA GLY A 144 16.17 -11.73 -24.04
C GLY A 144 17.33 -12.73 -24.02
N GLU A 145 17.65 -13.25 -22.84
CA GLU A 145 18.72 -14.24 -22.66
C GLU A 145 18.40 -15.60 -23.30
N LEU A 146 17.13 -16.03 -23.18
CA LEU A 146 16.58 -17.20 -23.90
C LEU A 146 15.45 -16.79 -24.84
N LYS A 147 15.20 -17.60 -25.88
CA LYS A 147 14.13 -17.33 -26.86
C LYS A 147 12.73 -17.55 -26.26
N ASN A 148 12.59 -18.67 -25.56
CA ASN A 148 11.34 -19.07 -24.93
C ASN A 148 11.65 -20.17 -23.92
N GLY A 149 10.63 -20.74 -23.28
CA GLY A 149 10.89 -21.85 -22.35
C GLY A 149 9.71 -22.68 -21.94
N PHE A 150 10.03 -23.82 -21.32
CA PHE A 150 9.07 -24.78 -20.76
C PHE A 150 9.51 -25.15 -19.35
N ALA A 151 8.65 -24.94 -18.36
CA ALA A 151 8.94 -25.29 -16.96
C ALA A 151 8.26 -26.60 -16.59
N VAL A 152 9.08 -27.62 -16.34
CA VAL A 152 8.62 -28.95 -15.95
C VAL A 152 8.54 -28.97 -14.42
N VAL A 153 7.42 -28.49 -13.90
CA VAL A 153 7.29 -28.20 -12.47
C VAL A 153 6.05 -28.84 -11.86
N ARG A 154 6.18 -29.18 -10.58
CA ARG A 154 5.08 -29.52 -9.70
C ARG A 154 5.46 -29.11 -8.28
N PRO A 155 4.51 -28.93 -7.37
CA PRO A 155 3.06 -29.02 -7.62
C PRO A 155 2.57 -27.88 -8.51
N PRO A 156 1.37 -28.03 -9.10
CA PRO A 156 0.78 -27.00 -9.95
C PRO A 156 0.35 -25.76 -9.14
N GLY A 157 0.03 -24.67 -9.83
CA GLY A 157 -0.23 -23.40 -9.16
C GLY A 157 -1.57 -22.71 -9.35
N HIS A 158 -2.25 -22.97 -10.46
CA HIS A 158 -3.30 -22.07 -10.92
C HIS A 158 -4.58 -22.01 -10.07
N HIS A 159 -4.83 -23.02 -9.21
CA HIS A 159 -5.94 -22.97 -8.27
C HIS A 159 -5.64 -22.27 -6.94
N ALA A 160 -4.37 -21.96 -6.66
CA ALA A 160 -4.00 -21.37 -5.37
C ALA A 160 -4.39 -19.89 -5.31
N GLU A 161 -5.27 -19.57 -4.37
CA GLU A 161 -5.71 -18.20 -4.13
C GLU A 161 -4.82 -17.51 -3.08
N GLU A 162 -5.09 -16.22 -2.86
CA GLU A 162 -4.31 -15.38 -1.93
C GLU A 162 -3.96 -16.10 -0.62
N SER A 163 -4.96 -16.66 0.05
CA SER A 163 -4.76 -17.34 1.34
C SER A 163 -5.31 -18.77 1.38
N THR A 164 -5.55 -19.37 0.21
CA THR A 164 -6.22 -20.66 0.15
C THR A 164 -5.56 -21.59 -0.88
N PRO A 165 -5.05 -22.74 -0.41
CA PRO A 165 -4.65 -23.77 -1.36
C PRO A 165 -5.89 -24.54 -1.82
N MET A 166 -5.89 -25.02 -3.06
CA MET A 166 -6.89 -25.99 -3.53
C MET A 166 -6.45 -26.65 -4.82
N GLY A 167 -7.13 -27.74 -5.15
CA GLY A 167 -6.85 -28.48 -6.38
C GLY A 167 -5.41 -28.90 -6.54
N PHE A 168 -4.82 -29.36 -5.43
CA PHE A 168 -3.39 -29.77 -5.38
C PHE A 168 -2.38 -28.64 -5.62
N CYS A 169 -2.81 -27.38 -5.47
CA CYS A 169 -1.97 -26.20 -5.64
C CYS A 169 -1.82 -25.48 -4.30
N TYR A 170 -0.63 -24.94 -4.05
CA TYR A 170 -0.31 -24.21 -2.82
C TYR A 170 0.12 -22.76 -3.09
N PHE A 171 1.04 -22.57 -4.03
CA PHE A 171 1.43 -21.23 -4.47
C PHE A 171 1.25 -21.17 -5.97
N ASN A 172 0.76 -20.03 -6.46
CA ASN A 172 0.50 -19.82 -7.87
C ASN A 172 1.79 -19.31 -8.54
N SER A 173 2.56 -20.29 -9.03
CA SER A 173 3.84 -20.06 -9.67
C SER A 173 3.79 -19.05 -10.82
N VAL A 174 2.81 -19.19 -11.71
CA VAL A 174 2.67 -18.31 -12.87
C VAL A 174 2.30 -16.88 -12.44
N ALA A 175 1.36 -16.74 -11.50
CA ALA A 175 0.96 -15.43 -11.00
C ALA A 175 2.14 -14.72 -10.31
N VAL A 176 2.89 -15.45 -9.48
CA VAL A 176 4.06 -14.86 -8.84
C VAL A 176 5.06 -14.38 -9.88
N ALA A 177 5.34 -15.20 -10.90
CA ALA A 177 6.26 -14.80 -11.96
C ALA A 177 5.83 -13.53 -12.69
N ALA A 178 4.54 -13.43 -13.00
CA ALA A 178 3.98 -12.21 -13.62
C ALA A 178 4.15 -10.96 -12.74
N LYS A 179 3.78 -11.05 -11.46
CA LYS A 179 3.95 -9.97 -10.48
C LYS A 179 5.39 -9.49 -10.42
N LEU A 180 6.32 -10.44 -10.38
CA LEU A 180 7.73 -10.12 -10.33
C LEU A 180 8.20 -9.43 -11.62
N LEU A 181 7.67 -9.84 -12.78
CA LEU A 181 7.92 -9.11 -14.02
C LEU A 181 7.44 -7.65 -13.91
N GLN A 182 6.30 -7.44 -13.28
CA GLN A 182 5.77 -6.08 -13.09
C GLN A 182 6.64 -5.23 -12.14
N GLN A 183 7.09 -5.85 -11.05
CA GLN A 183 7.79 -5.15 -9.97
C GLN A 183 9.29 -5.02 -10.17
N ARG A 184 9.90 -5.88 -10.98
CA ARG A 184 11.36 -5.91 -11.17
C ARG A 184 11.87 -5.78 -12.61
N LEU A 185 10.99 -5.75 -13.60
CA LEU A 185 11.39 -5.54 -15.00
C LEU A 185 10.52 -4.54 -15.76
N SER A 186 9.65 -3.81 -15.05
CA SER A 186 8.63 -2.92 -15.63
C SER A 186 8.06 -3.37 -16.99
N VAL A 187 7.57 -4.62 -17.00
CA VAL A 187 6.91 -5.20 -18.17
C VAL A 187 5.48 -4.64 -18.17
N SER A 188 5.10 -3.96 -19.25
CA SER A 188 3.86 -3.19 -19.26
C SER A 188 2.62 -4.05 -19.48
N LYS A 189 2.74 -5.11 -20.31
CA LYS A 189 1.61 -5.96 -20.68
C LYS A 189 2.01 -7.43 -20.70
N ILE A 190 1.33 -8.22 -19.87
CA ILE A 190 1.55 -9.67 -19.78
C ILE A 190 0.27 -10.39 -20.16
N LEU A 191 0.38 -11.33 -21.10
CA LEU A 191 -0.71 -12.25 -21.43
C LEU A 191 -0.47 -13.54 -20.63
N ILE A 192 -1.47 -13.97 -19.85
CA ILE A 192 -1.48 -15.30 -19.26
C ILE A 192 -2.56 -16.11 -19.97
N VAL A 193 -2.13 -17.14 -20.70
CA VAL A 193 -3.03 -18.10 -21.33
C VAL A 193 -3.05 -19.35 -20.47
N ASP A 194 -4.25 -19.82 -20.11
CA ASP A 194 -4.42 -21.00 -19.27
C ASP A 194 -5.21 -22.01 -20.09
N TRP A 195 -4.51 -23.01 -20.62
CA TRP A 195 -5.18 -24.05 -21.43
C TRP A 195 -5.33 -25.40 -20.71
N ASP A 196 -5.00 -25.41 -19.42
CA ASP A 196 -5.43 -26.48 -18.54
C ASP A 196 -6.96 -26.56 -18.68
N VAL A 197 -7.51 -27.77 -18.64
CA VAL A 197 -8.95 -27.98 -18.86
C VAL A 197 -9.83 -27.45 -17.72
N HIS A 198 -9.22 -27.20 -16.56
CA HIS A 198 -9.92 -26.57 -15.42
C HIS A 198 -9.61 -25.07 -15.33
N HIS A 199 -10.56 -24.30 -14.83
CA HIS A 199 -10.39 -22.85 -14.66
C HIS A 199 -9.34 -22.54 -13.59
N GLY A 200 -8.38 -21.67 -13.92
CA GLY A 200 -7.39 -21.18 -12.97
C GLY A 200 -7.94 -20.04 -12.12
N ASN A 201 -8.80 -20.40 -11.17
CA ASN A 201 -9.45 -19.44 -10.26
C ASN A 201 -8.44 -18.56 -9.51
N GLY A 202 -7.31 -19.15 -9.11
CA GLY A 202 -6.24 -18.41 -8.44
C GLY A 202 -5.66 -17.29 -9.28
N THR A 203 -5.32 -17.62 -10.52
CA THR A 203 -4.75 -16.63 -11.46
C THR A 203 -5.77 -15.53 -11.80
N GLN A 204 -7.03 -15.91 -11.99
CA GLN A 204 -8.10 -14.93 -12.24
C GLN A 204 -8.19 -13.95 -11.08
N GLN A 205 -8.16 -14.48 -9.86
CA GLN A 205 -8.19 -13.64 -8.66
C GLN A 205 -7.00 -12.68 -8.61
N ALA A 206 -5.81 -13.20 -8.90
CA ALA A 206 -4.58 -12.39 -8.78
C ALA A 206 -4.59 -11.11 -9.63
N PHE A 207 -5.23 -11.14 -10.80
CA PHE A 207 -5.14 -10.02 -11.73
C PHE A 207 -6.49 -9.45 -12.14
N TYR A 208 -7.53 -9.73 -11.35
CA TYR A 208 -8.90 -9.37 -11.73
C TYR A 208 -9.10 -7.87 -11.92
N SER A 209 -8.42 -7.04 -11.12
CA SER A 209 -8.55 -5.58 -11.24
C SER A 209 -7.38 -4.90 -11.98
N ASP A 210 -6.52 -5.69 -12.64
CA ASP A 210 -5.27 -5.20 -13.23
C ASP A 210 -5.40 -5.24 -14.77
N PRO A 211 -5.40 -4.06 -15.44
CA PRO A 211 -5.49 -4.05 -16.91
C PRO A 211 -4.16 -4.39 -17.62
N SER A 212 -3.05 -4.47 -16.86
CA SER A 212 -1.74 -4.73 -17.43
C SER A 212 -1.40 -6.22 -17.51
N VAL A 213 -2.28 -7.07 -16.97
CA VAL A 213 -2.21 -8.52 -17.15
C VAL A 213 -3.54 -9.00 -17.72
N LEU A 214 -3.49 -9.59 -18.92
CA LEU A 214 -4.68 -10.22 -19.53
C LEU A 214 -4.70 -11.70 -19.17
N TYR A 215 -5.64 -12.13 -18.32
CA TYR A 215 -5.83 -13.55 -18.04
C TYR A 215 -6.82 -14.14 -19.02
N MET A 216 -6.42 -15.22 -19.69
CA MET A 216 -7.19 -15.83 -20.76
C MET A 216 -7.26 -17.34 -20.52
N SER A 217 -8.40 -17.83 -20.05
CA SER A 217 -8.58 -19.27 -19.77
C SER A 217 -9.48 -19.99 -20.77
N LEU A 218 -8.98 -21.04 -21.40
CA LEU A 218 -9.83 -22.03 -22.07
C LEU A 218 -10.05 -23.15 -21.06
N HIS A 219 -11.30 -23.43 -20.73
CA HIS A 219 -11.60 -24.49 -19.78
C HIS A 219 -12.98 -25.10 -19.96
N ARG A 220 -13.14 -26.33 -19.49
CA ARG A 220 -14.44 -26.96 -19.40
C ARG A 220 -15.20 -26.26 -18.28
N TYR A 221 -16.34 -25.67 -18.62
CA TYR A 221 -17.15 -24.92 -17.67
C TYR A 221 -18.51 -25.57 -17.39
N ASP A 222 -19.20 -26.03 -18.45
CA ASP A 222 -20.53 -26.67 -18.34
C ASP A 222 -21.49 -25.93 -17.41
N ASP A 223 -21.65 -24.63 -17.66
CA ASP A 223 -22.55 -23.73 -16.90
C ASP A 223 -22.28 -23.65 -15.39
N GLY A 224 -21.03 -23.89 -14.98
CA GLY A 224 -20.65 -23.85 -13.57
C GLY A 224 -20.68 -25.19 -12.87
N ASN A 225 -20.88 -26.28 -13.59
CA ASN A 225 -21.14 -27.60 -13.00
C ASN A 225 -19.98 -28.58 -13.20
N PHE A 226 -18.78 -28.05 -13.37
CA PHE A 226 -17.57 -28.86 -13.46
C PHE A 226 -16.61 -28.34 -12.39
N PHE A 227 -15.37 -28.85 -12.35
CA PHE A 227 -14.39 -28.44 -11.36
C PHE A 227 -13.51 -27.30 -11.91
N PRO A 228 -13.31 -26.22 -11.16
CA PRO A 228 -13.80 -26.03 -9.78
C PRO A 228 -15.23 -25.52 -9.67
N GLY A 229 -15.79 -24.99 -10.76
CA GLY A 229 -17.11 -24.38 -10.74
C GLY A 229 -17.10 -22.90 -11.05
N SER A 230 -15.91 -22.32 -11.10
CA SER A 230 -15.75 -20.90 -11.40
C SER A 230 -15.41 -20.69 -12.89
N GLY A 231 -15.36 -19.43 -13.31
CA GLY A 231 -14.90 -19.07 -14.65
C GLY A 231 -15.98 -18.86 -15.68
N ALA A 232 -17.00 -18.09 -15.30
CA ALA A 232 -18.09 -17.78 -16.20
C ALA A 232 -17.61 -16.79 -17.25
N PRO A 233 -18.17 -16.87 -18.48
CA PRO A 233 -17.85 -15.88 -19.51
C PRO A 233 -18.11 -14.43 -19.12
N ASP A 234 -19.05 -14.20 -18.20
CA ASP A 234 -19.40 -12.83 -17.79
C ASP A 234 -18.48 -12.23 -16.72
N GLU A 235 -17.50 -13.01 -16.26
CA GLU A 235 -16.46 -12.51 -15.36
C GLU A 235 -15.36 -11.89 -16.22
N VAL A 236 -15.46 -10.57 -16.38
CA VAL A 236 -14.61 -9.79 -17.29
C VAL A 236 -13.52 -8.94 -16.60
N GLY A 237 -13.49 -8.99 -15.28
CA GLY A 237 -12.56 -8.17 -14.48
C GLY A 237 -13.35 -7.10 -13.76
N THR A 238 -12.66 -6.31 -12.95
CA THR A 238 -13.31 -5.32 -12.08
C THR A 238 -12.42 -4.07 -12.01
N GLY A 239 -13.04 -2.92 -11.73
CA GLY A 239 -12.34 -1.65 -11.65
C GLY A 239 -11.61 -1.29 -12.94
N PRO A 240 -10.34 -0.86 -12.85
CA PRO A 240 -9.54 -0.67 -14.08
C PRO A 240 -9.34 -1.95 -14.91
N GLY A 241 -9.47 -3.13 -14.29
CA GLY A 241 -9.32 -4.41 -14.98
C GLY A 241 -10.48 -4.89 -15.85
N VAL A 242 -11.55 -4.11 -15.96
CA VAL A 242 -12.74 -4.53 -16.71
C VAL A 242 -12.41 -4.75 -18.19
N GLY A 243 -12.75 -5.92 -18.70
CA GLY A 243 -12.42 -6.33 -20.06
C GLY A 243 -11.16 -7.18 -20.22
N PHE A 244 -10.31 -7.23 -19.19
CA PHE A 244 -9.02 -7.92 -19.29
C PHE A 244 -8.99 -9.29 -18.62
N ASN A 245 -10.15 -9.85 -18.31
CA ASN A 245 -10.26 -11.26 -17.92
C ASN A 245 -11.16 -11.95 -18.93
N VAL A 246 -10.61 -12.92 -19.68
CA VAL A 246 -11.36 -13.64 -20.70
C VAL A 246 -11.48 -15.12 -20.35
N ASN A 247 -12.70 -15.53 -19.98
CA ASN A 247 -13.02 -16.94 -19.74
C ASN A 247 -13.66 -17.58 -20.97
N MET A 248 -12.83 -18.26 -21.77
CA MET A 248 -13.31 -19.06 -22.92
C MET A 248 -13.86 -20.37 -22.37
N ALA A 249 -15.08 -20.26 -21.87
CA ALA A 249 -15.76 -21.31 -21.12
C ALA A 249 -16.52 -22.18 -22.08
N PHE A 250 -16.09 -23.44 -22.24
CA PHE A 250 -16.85 -24.41 -23.02
C PHE A 250 -18.00 -24.97 -22.16
N THR A 251 -19.21 -24.99 -22.74
CA THR A 251 -20.43 -25.47 -22.09
C THR A 251 -21.15 -26.49 -23.01
N GLY A 252 -21.93 -27.39 -22.40
CA GLY A 252 -22.65 -28.45 -23.11
C GLY A 252 -22.17 -29.85 -22.77
N GLY A 253 -21.14 -29.96 -21.92
CA GLY A 253 -20.70 -31.25 -21.44
C GLY A 253 -19.95 -32.02 -22.49
N LEU A 254 -20.14 -33.34 -22.47
CA LEU A 254 -19.37 -34.24 -23.33
C LEU A 254 -20.23 -34.81 -24.47
N ASP A 255 -21.05 -33.94 -25.06
CA ASP A 255 -22.10 -34.31 -26.02
C ASP A 255 -22.09 -33.44 -27.30
N PRO A 256 -21.13 -33.61 -28.22
CA PRO A 256 -19.96 -34.48 -28.06
C PRO A 256 -18.84 -33.77 -27.29
N PRO A 257 -17.81 -34.54 -26.86
CA PRO A 257 -16.69 -33.90 -26.13
C PRO A 257 -15.87 -32.99 -27.03
N MET A 258 -15.21 -32.01 -26.42
CA MET A 258 -14.42 -31.05 -27.17
C MET A 258 -13.14 -31.70 -27.67
N GLY A 259 -12.70 -31.28 -28.85
CA GLY A 259 -11.51 -31.80 -29.50
C GLY A 259 -10.70 -30.72 -30.18
N ASP A 260 -9.81 -31.17 -31.07
CA ASP A 260 -8.86 -30.31 -31.78
C ASP A 260 -9.53 -29.18 -32.52
N ALA A 261 -10.56 -29.52 -33.30
CA ALA A 261 -11.29 -28.53 -34.11
C ALA A 261 -11.93 -27.42 -33.26
N GLU A 262 -12.38 -27.78 -32.06
CA GLU A 262 -13.08 -26.82 -31.17
C GLU A 262 -12.10 -25.81 -30.55
N TYR A 263 -10.93 -26.30 -30.12
CA TYR A 263 -9.86 -25.47 -29.56
C TYR A 263 -9.18 -24.62 -30.63
N LEU A 264 -8.98 -25.19 -31.82
CA LEU A 264 -8.46 -24.42 -32.98
C LEU A 264 -9.40 -23.29 -33.36
N ALA A 265 -10.69 -23.56 -33.34
CA ALA A 265 -11.70 -22.52 -33.60
C ALA A 265 -11.74 -21.45 -32.50
N ALA A 266 -11.59 -21.88 -31.25
CA ALA A 266 -11.50 -20.94 -30.12
C ALA A 266 -10.28 -20.02 -30.24
N PHE A 267 -9.17 -20.61 -30.66
CA PHE A 267 -7.94 -19.85 -30.94
C PHE A 267 -8.09 -18.85 -32.10
N ARG A 268 -8.76 -19.27 -33.16
CA ARG A 268 -8.97 -18.43 -34.34
C ARG A 268 -9.95 -17.28 -34.08
N THR A 269 -11.07 -17.56 -33.40
CA THR A 269 -12.16 -16.57 -33.22
C THR A 269 -12.10 -15.73 -31.95
N VAL A 270 -11.45 -16.22 -30.88
CA VAL A 270 -11.44 -15.50 -29.60
C VAL A 270 -10.04 -15.22 -29.05
N VAL A 271 -9.22 -16.26 -28.91
CA VAL A 271 -7.92 -16.13 -28.22
C VAL A 271 -6.99 -15.19 -29.00
N MET A 272 -6.70 -15.51 -30.26
CA MET A 272 -5.71 -14.75 -31.04
C MET A 272 -6.14 -13.33 -31.42
N PRO A 273 -7.41 -13.13 -31.79
CA PRO A 273 -7.82 -11.74 -32.01
C PRO A 273 -7.61 -10.86 -30.77
N ILE A 274 -8.05 -11.32 -29.59
CA ILE A 274 -7.91 -10.53 -28.37
C ILE A 274 -6.43 -10.43 -27.96
N ALA A 275 -5.71 -11.54 -28.03
CA ALA A 275 -4.29 -11.55 -27.70
C ALA A 275 -3.48 -10.60 -28.59
N SER A 276 -3.78 -10.60 -29.90
CA SER A 276 -3.12 -9.70 -30.86
C SER A 276 -3.43 -8.23 -30.63
N GLU A 277 -4.69 -7.92 -30.34
CA GLU A 277 -5.08 -6.54 -30.04
C GLU A 277 -4.42 -6.01 -28.75
N PHE A 278 -4.28 -6.88 -27.76
CA PHE A 278 -3.65 -6.56 -26.49
C PHE A 278 -2.17 -6.30 -26.68
N ALA A 279 -1.56 -7.09 -27.58
CA ALA A 279 -0.15 -6.94 -27.97
C ALA A 279 0.78 -7.04 -26.76
N PRO A 280 0.86 -8.24 -26.16
CA PRO A 280 1.64 -8.40 -24.94
C PRO A 280 3.13 -8.28 -25.17
N ASP A 281 3.85 -7.89 -24.11
CA ASP A 281 5.30 -7.87 -24.10
C ASP A 281 5.87 -9.24 -23.77
N VAL A 282 5.14 -10.03 -22.97
CA VAL A 282 5.54 -11.39 -22.58
C VAL A 282 4.27 -12.26 -22.51
N VAL A 283 4.41 -13.54 -22.89
CA VAL A 283 3.31 -14.51 -22.77
C VAL A 283 3.69 -15.59 -21.75
N LEU A 284 2.82 -15.80 -20.77
CA LEU A 284 2.93 -16.94 -19.86
C LEU A 284 1.77 -17.89 -20.11
N VAL A 285 2.07 -19.18 -20.16
CA VAL A 285 1.08 -20.20 -20.42
C VAL A 285 1.01 -21.14 -19.21
N SER A 286 -0.15 -21.11 -18.55
CA SER A 286 -0.52 -22.15 -17.59
C SER A 286 -0.87 -23.39 -18.41
N SER A 287 0.11 -24.26 -18.58
CA SER A 287 0.06 -25.35 -19.56
C SER A 287 -0.25 -26.68 -18.87
N GLY A 288 -1.51 -26.85 -18.51
CA GLY A 288 -2.01 -28.17 -18.13
C GLY A 288 -2.31 -28.99 -19.38
N PHE A 289 -2.06 -30.29 -19.34
CA PHE A 289 -2.34 -31.17 -20.50
C PHE A 289 -3.49 -32.16 -20.27
N ASP A 290 -4.41 -31.78 -19.39
CA ASP A 290 -5.54 -32.65 -19.02
C ASP A 290 -6.76 -32.55 -19.95
N ALA A 291 -6.71 -31.62 -20.92
CA ALA A 291 -7.62 -31.67 -22.08
C ALA A 291 -7.25 -32.76 -23.11
N VAL A 292 -6.05 -33.32 -23.01
CA VAL A 292 -5.63 -34.39 -23.91
C VAL A 292 -6.47 -35.67 -23.68
N GLU A 293 -6.77 -36.33 -24.81
CA GLU A 293 -7.41 -37.66 -24.87
C GLU A 293 -6.84 -38.62 -23.82
N GLY A 294 -7.72 -39.22 -23.02
CA GLY A 294 -7.33 -40.21 -22.01
C GLY A 294 -7.47 -39.77 -20.56
N HIS A 295 -8.00 -38.57 -20.34
CA HIS A 295 -8.29 -38.08 -19.00
C HIS A 295 -9.79 -38.24 -18.76
N PRO A 296 -10.19 -39.23 -17.94
CA PRO A 296 -11.61 -39.34 -17.65
C PRO A 296 -12.08 -38.19 -16.76
N THR A 297 -13.36 -37.88 -16.82
CA THR A 297 -13.98 -36.89 -15.94
C THR A 297 -13.88 -37.36 -14.46
N PRO A 298 -13.62 -36.50 -13.48
CA PRO A 298 -13.53 -35.03 -13.61
C PRO A 298 -12.11 -34.46 -13.79
N LEU A 299 -11.13 -35.29 -14.12
CA LEU A 299 -9.79 -34.81 -14.44
C LEU A 299 -9.72 -34.23 -15.85
N GLY A 300 -10.67 -34.60 -16.71
CA GLY A 300 -10.75 -34.07 -18.06
C GLY A 300 -12.09 -34.33 -18.70
N GLY A 301 -12.12 -35.27 -19.64
CA GLY A 301 -13.31 -35.57 -20.46
C GLY A 301 -13.22 -35.16 -21.92
N TYR A 302 -12.09 -34.59 -22.35
CA TYR A 302 -11.93 -34.02 -23.70
C TYR A 302 -10.99 -34.87 -24.56
N ASN A 303 -11.00 -34.60 -25.87
CA ASN A 303 -10.29 -35.42 -26.86
C ASN A 303 -9.27 -34.67 -27.69
N LEU A 304 -8.56 -33.72 -27.08
CA LEU A 304 -7.45 -33.06 -27.78
C LEU A 304 -6.34 -34.06 -28.03
N SER A 305 -5.65 -33.88 -29.14
CA SER A 305 -4.45 -34.64 -29.42
C SER A 305 -3.28 -33.85 -28.86
N ALA A 306 -2.23 -34.58 -28.47
CA ALA A 306 -0.97 -33.98 -28.07
C ALA A 306 -0.40 -33.06 -29.15
N ARG A 307 -0.50 -33.48 -30.41
CA ARG A 307 -0.07 -32.68 -31.55
C ARG A 307 -0.68 -31.29 -31.57
N CYS A 308 -1.96 -31.20 -31.24
CA CYS A 308 -2.69 -29.91 -31.25
C CYS A 308 -2.03 -28.86 -30.34
N PHE A 309 -1.50 -29.29 -29.20
CA PHE A 309 -0.76 -28.39 -28.30
C PHE A 309 0.53 -27.82 -28.89
N GLY A 310 1.18 -28.60 -29.75
CA GLY A 310 2.26 -28.08 -30.59
C GLY A 310 1.79 -26.94 -31.47
N TYR A 311 0.62 -27.11 -32.09
CA TYR A 311 0.05 -26.10 -32.97
C TYR A 311 -0.42 -24.83 -32.21
N LEU A 312 -1.00 -25.01 -31.02
CA LEU A 312 -1.40 -23.88 -30.19
C LEU A 312 -0.17 -23.08 -29.70
N THR A 313 0.86 -23.78 -29.23
CA THR A 313 2.13 -23.17 -28.84
C THR A 313 2.72 -22.29 -29.96
N LYS A 314 2.80 -22.89 -31.15
CA LYS A 314 3.28 -22.21 -32.36
C LYS A 314 2.50 -20.92 -32.63
N GLN A 315 1.18 -20.96 -32.47
CA GLN A 315 0.37 -19.76 -32.65
C GLN A 315 0.65 -18.66 -31.59
N LEU A 316 0.94 -19.06 -30.35
CA LEU A 316 1.26 -18.09 -29.30
C LEU A 316 2.68 -17.53 -29.43
N MET A 317 3.57 -18.27 -30.09
CA MET A 317 4.95 -17.82 -30.35
C MET A 317 5.02 -16.63 -31.30
N GLY A 318 4.00 -16.45 -32.14
CA GLY A 318 3.87 -15.25 -32.98
C GLY A 318 3.52 -13.96 -32.25
N LEU A 319 3.34 -14.00 -30.93
CA LEU A 319 3.07 -12.81 -30.12
C LEU A 319 4.31 -12.42 -29.35
N ALA A 320 4.38 -11.14 -28.98
CA ALA A 320 5.36 -10.66 -28.00
C ALA A 320 6.83 -10.93 -28.39
N GLY A 321 7.13 -10.91 -29.71
CA GLY A 321 8.45 -11.28 -30.21
C GLY A 321 8.93 -12.67 -29.80
N GLY A 322 7.99 -13.61 -29.64
CA GLY A 322 8.32 -14.98 -29.26
C GLY A 322 8.68 -15.21 -27.81
N ARG A 323 8.49 -14.20 -26.96
CA ARG A 323 8.83 -14.30 -25.55
C ARG A 323 7.68 -14.99 -24.81
N ILE A 324 7.78 -16.32 -24.74
CA ILE A 324 6.72 -17.16 -24.21
C ILE A 324 7.33 -18.22 -23.31
N VAL A 325 6.71 -18.44 -22.15
CA VAL A 325 7.10 -19.50 -21.24
C VAL A 325 5.86 -20.32 -20.88
N LEU A 326 5.99 -21.64 -20.98
CA LEU A 326 4.94 -22.60 -20.64
C LEU A 326 5.32 -23.21 -19.31
N ALA A 327 4.40 -23.23 -18.36
CA ALA A 327 4.61 -23.92 -17.09
C ALA A 327 3.55 -25.00 -16.91
N LEU A 328 3.99 -26.21 -16.57
CA LEU A 328 3.10 -27.35 -16.38
C LEU A 328 2.14 -27.10 -15.23
N GLU A 329 0.85 -27.32 -15.48
CA GLU A 329 -0.18 -27.23 -14.46
C GLU A 329 -0.71 -28.66 -14.27
N GLY A 330 -1.93 -28.95 -14.72
CA GLY A 330 -2.52 -30.29 -14.62
C GLY A 330 -2.09 -31.22 -15.72
N GLY A 331 -2.81 -32.33 -15.85
CA GLY A 331 -2.40 -33.42 -16.75
C GLY A 331 -1.84 -34.54 -15.90
N HIS A 332 -2.44 -35.71 -16.08
CA HIS A 332 -2.30 -36.86 -15.19
C HIS A 332 -1.76 -38.09 -15.93
N ASP A 333 -2.41 -38.46 -17.03
CA ASP A 333 -2.01 -39.60 -17.86
C ASP A 333 -0.60 -39.42 -18.45
N LEU A 334 0.32 -40.34 -18.12
CA LEU A 334 1.75 -40.14 -18.39
C LEU A 334 2.11 -40.08 -19.87
N THR A 335 1.48 -40.90 -20.71
CA THR A 335 1.78 -40.86 -22.14
C THR A 335 1.23 -39.58 -22.79
N ALA A 336 0.04 -39.16 -22.36
CA ALA A 336 -0.58 -37.92 -22.85
C ALA A 336 0.29 -36.69 -22.57
N ILE A 337 0.71 -36.52 -21.33
CA ILE A 337 1.47 -35.34 -20.91
C ILE A 337 2.89 -35.35 -21.47
N CYS A 338 3.48 -36.53 -21.60
CA CYS A 338 4.77 -36.70 -22.26
C CYS A 338 4.69 -36.40 -23.75
N ASP A 339 3.62 -36.87 -24.42
CA ASP A 339 3.40 -36.54 -25.84
C ASP A 339 3.19 -35.04 -26.03
N ALA A 340 2.29 -34.45 -25.24
CA ALA A 340 1.98 -33.01 -25.36
C ALA A 340 3.18 -32.12 -25.04
N SER A 341 3.97 -32.51 -24.05
CA SER A 341 5.20 -31.80 -23.70
C SER A 341 6.20 -31.86 -24.85
N GLU A 342 6.35 -33.04 -25.45
CA GLU A 342 7.25 -33.23 -26.58
C GLU A 342 6.86 -32.29 -27.71
N ALA A 343 5.58 -32.26 -28.05
CA ALA A 343 5.05 -31.37 -29.10
C ALA A 343 5.18 -29.88 -28.80
N CYS A 344 5.06 -29.49 -27.54
CA CYS A 344 5.25 -28.08 -27.15
C CYS A 344 6.71 -27.66 -27.21
N VAL A 345 7.59 -28.48 -26.65
CA VAL A 345 9.04 -28.19 -26.65
C VAL A 345 9.63 -28.24 -28.06
N SER A 346 9.12 -29.14 -28.90
CA SER A 346 9.49 -29.22 -30.31
C SER A 346 9.04 -27.97 -31.08
N ALA A 347 7.81 -27.53 -30.83
CA ALA A 347 7.32 -26.28 -31.39
C ALA A 347 8.13 -25.07 -30.92
N LEU A 348 8.51 -25.06 -29.64
CA LEU A 348 9.29 -23.96 -29.08
C LEU A 348 10.67 -23.86 -29.72
N LEU A 349 11.25 -25.02 -30.06
CA LEU A 349 12.54 -25.08 -30.77
C LEU A 349 12.49 -24.68 -32.25
N GLY A 350 11.30 -24.55 -32.84
CA GLY A 350 11.17 -24.19 -34.26
C GLY A 350 11.15 -25.34 -35.25
N ASN A 351 11.03 -26.59 -34.77
CA ASN A 351 10.78 -27.75 -35.64
C ASN A 351 9.34 -27.69 -36.16
N GLU A 352 8.88 -28.74 -36.86
CA GLU A 352 7.47 -28.83 -37.30
C GLU A 352 6.92 -30.26 -37.19
N LEU A 353 5.58 -30.37 -37.21
CA LEU A 353 4.88 -31.68 -37.26
C LEU A 353 3.39 -31.45 -37.57
N GLN A 362 -10.04 -28.38 -41.15
CA GLN A 362 -10.78 -29.52 -41.70
C GLN A 362 -12.21 -29.63 -41.12
N GLN A 363 -12.32 -30.08 -39.88
CA GLN A 363 -13.61 -30.36 -39.23
C GLN A 363 -14.24 -29.08 -38.68
N ARG A 364 -15.56 -29.00 -38.74
CA ARG A 364 -16.31 -27.90 -38.13
C ARG A 364 -16.43 -28.11 -36.62
N PRO A 365 -16.39 -27.01 -35.84
CA PRO A 365 -16.59 -27.17 -34.38
C PRO A 365 -18.04 -27.51 -34.06
N ASN A 366 -18.24 -28.34 -33.03
CA ASN A 366 -19.59 -28.80 -32.66
C ASN A 366 -20.46 -27.63 -32.19
N ALA A 367 -21.77 -27.83 -32.20
CA ALA A 367 -22.76 -26.78 -31.88
C ALA A 367 -22.60 -26.21 -30.46
N ASN A 368 -22.24 -27.06 -29.51
CA ASN A 368 -21.93 -26.62 -28.14
C ASN A 368 -20.75 -25.63 -28.10
N ALA A 369 -19.66 -25.99 -28.79
CA ALA A 369 -18.49 -25.11 -28.90
C ALA A 369 -18.84 -23.77 -29.58
N VAL A 370 -19.61 -23.84 -30.68
CA VAL A 370 -20.02 -22.62 -31.41
C VAL A 370 -20.85 -21.69 -30.51
N ARG A 371 -21.80 -22.28 -29.79
CA ARG A 371 -22.63 -21.56 -28.81
C ARG A 371 -21.79 -20.95 -27.67
N SER A 372 -20.79 -21.70 -27.19
CA SER A 372 -19.89 -21.23 -26.13
C SER A 372 -19.04 -20.03 -26.57
N MET A 373 -18.41 -20.14 -27.75
CA MET A 373 -17.62 -19.05 -28.34
C MET A 373 -18.46 -17.82 -28.59
N GLU A 374 -19.68 -18.03 -29.11
CA GLU A 374 -20.61 -16.92 -29.36
C GLU A 374 -20.99 -16.16 -28.09
N LYS A 375 -21.17 -16.88 -26.99
CA LYS A 375 -21.47 -16.24 -25.70
C LYS A 375 -20.31 -15.36 -25.22
N VAL A 376 -19.08 -15.83 -25.43
CA VAL A 376 -17.87 -15.10 -25.04
C VAL A 376 -17.64 -13.88 -25.93
N MET A 377 -17.67 -14.09 -27.25
CA MET A 377 -17.55 -13.00 -28.22
C MET A 377 -18.60 -11.91 -27.96
N GLU A 378 -19.81 -12.34 -27.66
CA GLU A 378 -20.91 -11.43 -27.34
C GLU A 378 -20.63 -10.54 -26.13
N ILE A 379 -20.14 -11.15 -25.05
CA ILE A 379 -19.74 -10.40 -23.86
C ILE A 379 -18.54 -9.50 -24.17
N HIS A 380 -17.54 -10.04 -24.86
CA HIS A 380 -16.29 -9.30 -25.05
C HIS A 380 -16.28 -8.33 -26.25
N SER A 381 -17.34 -8.35 -27.07
CA SER A 381 -17.59 -7.30 -28.08
C SER A 381 -17.63 -5.89 -27.47
N LYS A 382 -18.04 -5.80 -26.20
CA LYS A 382 -18.05 -4.54 -25.46
C LYS A 382 -16.66 -3.94 -25.17
N TYR A 383 -15.61 -4.76 -25.16
CA TYR A 383 -14.28 -4.33 -24.71
C TYR A 383 -13.15 -4.42 -25.73
N TRP A 384 -13.35 -5.15 -26.83
CA TRP A 384 -12.28 -5.45 -27.77
C TRP A 384 -12.74 -5.10 -29.19
N ARG A 385 -11.99 -4.23 -29.84
CA ARG A 385 -12.27 -3.80 -31.23
C ARG A 385 -12.45 -4.95 -32.22
N CYS A 386 -11.62 -5.98 -32.11
CA CYS A 386 -11.70 -7.16 -32.99
C CYS A 386 -13.03 -7.92 -32.90
N LEU A 387 -13.79 -7.75 -31.80
CA LEU A 387 -15.09 -8.40 -31.61
C LEU A 387 -16.29 -7.44 -31.57
N GLN A 388 -16.07 -6.13 -31.80
CA GLN A 388 -17.14 -5.08 -31.86
C GLN A 388 -18.46 -5.47 -32.53
N ARG A 389 -18.36 -6.18 -33.65
CA ARG A 389 -19.53 -6.50 -34.47
C ARG A 389 -20.09 -7.90 -34.25
N HIS A 390 -19.56 -8.63 -33.26
CA HIS A 390 -20.08 -9.95 -32.87
C HIS A 390 -21.03 -9.79 -31.69
N PRO B 6 36.01 6.95 18.50
CA PRO B 6 34.58 6.64 18.61
C PRO B 6 34.25 5.22 18.17
N ARG B 7 33.19 4.65 18.73
CA ARG B 7 32.77 3.29 18.38
C ARG B 7 32.23 3.20 16.94
N PHE B 8 32.41 2.04 16.32
CA PHE B 8 31.99 1.80 14.94
C PHE B 8 30.45 1.65 14.83
N THR B 9 29.79 2.79 14.64
CA THR B 9 28.32 2.86 14.57
C THR B 9 27.87 3.96 13.59
N THR B 10 26.58 4.26 13.61
CA THR B 10 26.01 5.33 12.80
C THR B 10 26.43 6.69 13.34
N GLY B 11 26.96 7.54 12.47
CA GLY B 11 27.27 8.92 12.79
C GLY B 11 26.12 9.88 12.49
N LEU B 12 26.01 10.93 13.30
CA LEU B 12 25.08 12.03 13.05
C LEU B 12 25.87 13.33 13.10
N VAL B 13 25.53 14.26 12.21
CA VAL B 13 26.10 15.61 12.29
C VAL B 13 24.99 16.66 12.24
N TYR B 14 25.15 17.66 13.10
CA TYR B 14 24.21 18.75 13.27
C TYR B 14 24.98 19.92 13.86
N ASP B 15 24.51 21.13 13.62
CA ASP B 15 25.08 22.31 14.28
C ASP B 15 24.02 23.39 14.36
N THR B 16 23.84 23.96 15.55
CA THR B 16 22.83 25.01 15.78
C THR B 16 23.08 26.28 14.98
N LEU B 17 24.31 26.53 14.55
CA LEU B 17 24.61 27.69 13.70
C LEU B 17 24.03 27.65 12.27
N MET B 18 23.68 26.46 11.79
CA MET B 18 22.89 26.34 10.55
C MET B 18 21.46 26.91 10.68
N LEU B 19 20.96 27.04 11.91
CA LEU B 19 19.67 27.68 12.16
C LEU B 19 19.66 29.16 11.86
N LYS B 20 20.84 29.79 11.80
CA LYS B 20 20.93 31.23 11.63
C LYS B 20 20.89 31.70 10.19
N HIS B 21 20.91 30.77 9.25
CA HIS B 21 20.50 31.03 7.88
C HIS B 21 18.99 31.17 7.92
N GLN B 22 18.53 32.37 8.25
CA GLN B 22 17.10 32.64 8.46
C GLN B 22 16.84 34.04 8.03
N CYS B 23 15.69 34.24 7.39
CA CYS B 23 15.25 35.60 7.17
C CYS B 23 15.00 36.27 8.52
N THR B 24 15.32 37.56 8.61
CA THR B 24 15.09 38.32 9.84
C THR B 24 13.60 38.51 10.16
N CYS B 25 12.72 38.37 9.18
CA CYS B 25 11.26 38.26 9.44
C CYS B 25 10.91 37.03 10.29
N GLY B 26 11.66 35.93 10.14
CA GLY B 26 11.46 34.70 10.93
C GLY B 26 10.20 33.91 10.59
N SER B 27 9.71 34.08 9.35
CA SER B 27 8.45 33.48 8.91
C SER B 27 8.66 32.21 8.10
N SER B 28 8.04 31.12 8.54
CA SER B 28 8.00 29.87 7.78
C SER B 28 7.19 29.98 6.48
N SER B 29 6.11 30.76 6.51
CA SER B 29 5.16 30.85 5.39
C SER B 29 5.82 31.32 4.12
N SER B 30 6.49 32.48 4.19
CA SER B 30 7.14 33.08 3.02
C SER B 30 8.47 32.41 2.65
N HIS B 31 9.04 31.63 3.57
CA HIS B 31 10.33 30.96 3.38
C HIS B 31 10.22 29.48 3.73
N PRO B 32 9.86 28.63 2.74
CA PRO B 32 9.74 27.17 2.93
C PRO B 32 11.00 26.47 3.47
N GLU B 33 12.17 26.91 3.04
CA GLU B 33 13.43 26.35 3.51
C GLU B 33 13.87 27.13 4.76
N HIS B 34 13.33 26.74 5.91
CA HIS B 34 13.47 27.48 7.16
C HIS B 34 14.12 26.62 8.23
N ALA B 35 14.55 27.28 9.30
CA ALA B 35 15.39 26.69 10.36
C ALA B 35 14.74 25.52 11.06
N GLY B 36 13.43 25.61 11.26
CA GLY B 36 12.66 24.55 11.90
C GLY B 36 12.74 23.17 11.28
N ARG B 37 13.15 23.09 10.00
CA ARG B 37 13.32 21.82 9.32
C ARG B 37 14.32 20.94 10.09
N ILE B 38 15.53 21.44 10.31
CA ILE B 38 16.57 20.67 10.99
C ILE B 38 16.39 20.61 12.52
N GLN B 39 15.88 21.70 13.10
CA GLN B 39 15.59 21.74 14.53
C GLN B 39 14.55 20.68 14.89
N SER B 40 13.48 20.58 14.12
CA SER B 40 12.47 19.54 14.34
C SER B 40 13.02 18.11 14.14
N ILE B 41 13.87 17.91 13.13
CA ILE B 41 14.48 16.60 12.90
C ILE B 41 15.36 16.19 14.10
N TRP B 42 16.22 17.11 14.52
CA TRP B 42 17.13 16.89 15.66
C TRP B 42 16.37 16.57 16.95
N SER B 43 15.25 17.25 17.16
CA SER B 43 14.38 16.98 18.31
C SER B 43 13.81 15.58 18.26
N ARG B 44 13.33 15.19 17.07
CA ARG B 44 12.75 13.86 16.85
C ARG B 44 13.75 12.75 17.13
N LEU B 45 14.99 12.90 16.66
CA LEU B 45 16.01 11.88 16.90
C LEU B 45 16.39 11.75 18.40
N GLN B 46 16.25 12.86 19.15
CA GLN B 46 16.39 12.86 20.61
C GLN B 46 15.22 12.15 21.29
N GLU B 47 13.99 12.56 20.99
CA GLU B 47 12.76 12.01 21.58
C GLU B 47 12.62 10.49 21.47
N THR B 48 13.08 9.94 20.35
CA THR B 48 12.96 8.51 20.03
C THR B 48 14.19 7.69 20.45
N GLY B 49 15.20 8.35 21.01
CA GLY B 49 16.40 7.65 21.51
C GLY B 49 17.47 7.33 20.46
N LEU B 50 17.24 7.72 19.22
CA LEU B 50 18.14 7.35 18.12
C LEU B 50 19.47 8.10 18.23
N ARG B 51 19.42 9.37 18.65
CA ARG B 51 20.64 10.15 18.92
C ARG B 51 21.56 9.48 19.93
N GLY B 52 20.96 8.92 21.00
CA GLY B 52 21.69 8.14 22.00
C GLY B 52 22.47 6.96 21.42
N LYS B 53 21.86 6.24 20.48
CA LYS B 53 22.51 5.10 19.80
C LYS B 53 23.54 5.47 18.71
N CYS B 54 23.75 6.77 18.43
CA CYS B 54 24.64 7.23 17.36
C CYS B 54 25.81 8.03 17.91
N GLU B 55 26.88 8.13 17.12
CA GLU B 55 28.00 9.00 17.45
C GLU B 55 27.82 10.40 16.82
N CYS B 56 27.54 11.40 17.65
CA CYS B 56 27.29 12.76 17.15
C CYS B 56 28.61 13.49 17.03
N ILE B 57 29.01 13.80 15.80
CA ILE B 57 30.31 14.40 15.53
C ILE B 57 30.19 15.90 15.36
N ARG B 58 31.32 16.58 15.58
CA ARG B 58 31.41 18.02 15.39
C ARG B 58 31.66 18.29 13.90
N GLY B 59 30.92 19.26 13.37
CA GLY B 59 31.16 19.78 12.04
C GLY B 59 32.05 21.00 12.15
N ARG B 60 32.24 21.65 11.02
CA ARG B 60 33.11 22.80 10.90
C ARG B 60 32.72 23.50 9.61
N LYS B 61 33.19 24.72 9.42
CA LYS B 61 32.93 25.47 8.19
C LYS B 61 33.89 25.00 7.12
N ALA B 62 33.40 24.67 5.93
CA ALA B 62 34.28 24.34 4.79
C ALA B 62 35.13 25.56 4.41
N THR B 63 36.35 25.33 3.93
CA THR B 63 37.21 26.43 3.47
C THR B 63 36.69 26.87 2.12
N LEU B 64 37.07 28.07 1.69
CA LEU B 64 36.73 28.54 0.35
C LEU B 64 37.34 27.63 -0.72
N GLU B 65 38.56 27.16 -0.45
CA GLU B 65 39.29 26.16 -1.24
C GLU B 65 38.51 24.85 -1.42
N GLU B 66 37.92 24.34 -0.33
CA GLU B 66 37.06 23.15 -0.41
C GLU B 66 35.83 23.36 -1.26
N LEU B 67 35.17 24.51 -1.08
CA LEU B 67 34.01 24.89 -1.89
C LEU B 67 34.38 24.98 -3.37
N GLN B 68 35.61 25.41 -3.63
CA GLN B 68 36.10 25.60 -4.99
C GLN B 68 36.43 24.32 -5.75
N THR B 69 36.39 23.17 -5.10
CA THR B 69 36.35 21.89 -5.83
C THR B 69 35.12 21.81 -6.77
N VAL B 70 34.03 22.49 -6.41
CA VAL B 70 32.81 22.52 -7.24
C VAL B 70 32.53 23.91 -7.81
N HIS B 71 32.68 24.96 -7.01
CA HIS B 71 32.22 26.30 -7.39
C HIS B 71 33.31 27.25 -7.86
N SER B 72 32.92 28.24 -8.65
CA SER B 72 33.85 29.26 -9.09
C SER B 72 34.26 30.12 -7.89
N GLU B 73 35.46 30.69 -7.97
CA GLU B 73 35.97 31.55 -6.90
C GLU B 73 35.01 32.69 -6.60
N ALA B 74 34.53 33.39 -7.64
CA ALA B 74 33.59 34.49 -7.45
C ALA B 74 32.34 34.06 -6.69
N HIS B 75 31.83 32.87 -7.01
CA HIS B 75 30.64 32.33 -6.33
C HIS B 75 30.92 32.07 -4.85
N THR B 76 32.08 31.45 -4.55
CA THR B 76 32.46 31.20 -3.15
C THR B 76 32.71 32.47 -2.35
N LEU B 77 33.18 33.53 -3.00
CA LEU B 77 33.34 34.83 -2.35
C LEU B 77 31.99 35.49 -2.08
N LEU B 78 31.15 35.53 -3.09
CA LEU B 78 29.84 36.19 -2.98
C LEU B 78 28.95 35.59 -1.87
N TYR B 79 28.94 34.27 -1.74
CA TYR B 79 28.08 33.61 -0.74
C TYR B 79 28.83 32.95 0.42
N GLY B 80 30.15 32.90 0.39
CA GLY B 80 30.95 32.33 1.48
C GLY B 80 31.69 33.32 2.37
N THR B 81 31.57 34.61 2.07
CA THR B 81 32.10 35.69 2.92
C THR B 81 31.05 36.80 3.03
N ASN B 82 31.05 37.55 4.13
CA ASN B 82 30.10 38.67 4.29
C ASN B 82 30.81 39.92 4.82
N PRO B 83 31.73 40.48 4.03
CA PRO B 83 32.31 41.75 4.41
C PRO B 83 31.24 42.83 4.51
N LEU B 84 31.31 43.64 5.57
CA LEU B 84 30.44 44.79 5.75
C LEU B 84 30.69 45.84 4.64
N ASN B 85 31.95 45.97 4.23
CA ASN B 85 32.40 46.93 3.21
C ASN B 85 31.68 46.80 1.86
N ARG B 86 31.57 45.55 1.38
CA ARG B 86 30.88 45.21 0.11
C ARG B 86 31.30 46.06 -1.09
N ARG B 104 16.39 43.70 -0.62
CA ARG B 104 15.14 44.13 -0.03
C ARG B 104 13.96 43.30 -0.57
N LEU B 105 13.41 42.44 0.28
CA LEU B 105 12.20 41.65 0.00
C LEU B 105 10.97 42.36 0.61
N PRO B 106 9.74 41.89 0.27
CA PRO B 106 8.52 42.39 0.94
C PRO B 106 8.50 42.22 2.47
N CYS B 107 9.10 41.14 2.98
CA CYS B 107 9.19 40.87 4.41
C CYS B 107 10.22 41.74 5.17
N GLY B 108 10.97 42.59 4.46
CA GLY B 108 12.03 43.40 5.05
C GLY B 108 13.36 42.67 5.13
N GLY B 109 13.43 41.48 4.54
CA GLY B 109 14.65 40.68 4.53
C GLY B 109 15.51 41.01 3.33
N VAL B 110 16.67 40.36 3.28
CA VAL B 110 17.59 40.43 2.16
C VAL B 110 17.49 39.10 1.42
N GLY B 111 17.86 39.09 0.14
CA GLY B 111 17.85 37.84 -0.65
C GLY B 111 18.16 38.02 -2.12
N VAL B 112 17.81 36.99 -2.90
CA VAL B 112 17.81 37.05 -4.37
C VAL B 112 16.41 37.40 -4.92
N ASP B 113 15.36 36.91 -4.26
CA ASP B 113 13.97 37.08 -4.71
C ASP B 113 12.96 36.80 -3.59
N SER B 114 11.69 37.10 -3.86
CA SER B 114 10.56 36.97 -2.90
C SER B 114 10.69 35.92 -1.76
N ASP B 115 11.11 34.70 -2.12
CA ASP B 115 11.15 33.57 -1.17
C ASP B 115 12.54 32.94 -0.87
N THR B 116 13.60 33.34 -1.60
CA THR B 116 14.95 32.79 -1.40
C THR B 116 15.79 33.70 -0.50
N ILE B 117 15.98 33.28 0.74
CA ILE B 117 16.45 34.17 1.80
C ILE B 117 17.96 34.31 1.81
N TRP B 118 18.44 35.42 2.38
CA TRP B 118 19.87 35.59 2.65
C TRP B 118 20.10 36.42 3.92
N ASN B 119 20.59 35.79 4.99
CA ASN B 119 20.94 36.52 6.18
C ASN B 119 22.32 37.17 6.01
N GLU B 120 22.30 38.48 6.07
CA GLU B 120 23.48 39.32 5.79
C GLU B 120 24.62 39.08 6.82
N VAL B 121 24.25 38.59 8.01
CA VAL B 121 25.21 38.27 9.08
C VAL B 121 25.63 36.81 9.12
N HIS B 122 24.69 35.88 8.96
CA HIS B 122 24.93 34.45 9.28
C HIS B 122 24.86 33.42 8.16
N SER B 123 24.26 33.77 7.02
CA SER B 123 24.08 32.83 5.91
C SER B 123 25.40 32.26 5.36
N ALA B 124 26.39 33.13 5.18
CA ALA B 124 27.70 32.71 4.66
C ALA B 124 28.31 31.62 5.54
N GLY B 125 28.34 31.87 6.84
CA GLY B 125 28.81 30.85 7.79
C GLY B 125 27.98 29.58 7.78
N ALA B 126 26.65 29.74 7.77
CA ALA B 126 25.73 28.60 7.75
C ALA B 126 25.85 27.74 6.50
N ALA B 127 26.00 28.36 5.34
CA ALA B 127 26.18 27.64 4.08
C ALA B 127 27.48 26.81 4.06
N ARG B 128 28.56 27.41 4.54
CA ARG B 128 29.84 26.73 4.67
C ARG B 128 29.83 25.62 5.71
N LEU B 129 29.09 25.86 6.79
CA LEU B 129 28.94 24.87 7.83
C LEU B 129 28.16 23.63 7.36
N ALA B 130 27.16 23.79 6.49
CA ALA B 130 26.45 22.63 5.95
C ALA B 130 27.39 21.74 5.13
N VAL B 131 28.24 22.36 4.34
CA VAL B 131 29.22 21.63 3.52
C VAL B 131 30.21 20.91 4.43
N GLY B 132 30.79 21.63 5.38
CA GLY B 132 31.80 21.04 6.27
C GLY B 132 31.28 19.92 7.14
N CYS B 133 30.04 20.05 7.61
CA CYS B 133 29.37 18.97 8.33
C CYS B 133 29.26 17.71 7.48
N VAL B 134 28.81 17.89 6.24
CA VAL B 134 28.69 16.76 5.31
C VAL B 134 30.09 16.15 5.03
N VAL B 135 31.08 17.01 4.83
CA VAL B 135 32.44 16.53 4.53
C VAL B 135 33.01 15.73 5.72
N GLU B 136 32.86 16.26 6.94
CA GLU B 136 33.35 15.56 8.15
C GLU B 136 32.76 14.17 8.31
N LEU B 137 31.44 14.07 8.20
CA LEU B 137 30.76 12.78 8.32
C LEU B 137 31.18 11.81 7.22
N VAL B 138 31.26 12.29 5.99
CA VAL B 138 31.61 11.45 4.85
C VAL B 138 33.04 10.87 4.97
N PHE B 139 33.97 11.70 5.41
CA PHE B 139 35.35 11.26 5.63
C PHE B 139 35.48 10.20 6.73
N LYS B 140 34.81 10.41 7.86
CA LYS B 140 34.77 9.42 8.94
C LYS B 140 34.18 8.06 8.53
N VAL B 141 33.18 8.08 7.65
CA VAL B 141 32.62 6.84 7.09
C VAL B 141 33.54 6.24 6.01
N ALA B 142 34.08 7.07 5.13
CA ALA B 142 35.00 6.61 4.06
C ALA B 142 36.34 6.07 4.59
N THR B 143 36.82 6.61 5.70
CA THR B 143 38.03 6.14 6.33
C THR B 143 37.80 4.99 7.34
N GLY B 144 36.56 4.51 7.47
CA GLY B 144 36.23 3.41 8.36
C GLY B 144 36.13 3.72 9.85
N GLU B 145 36.13 5.01 10.22
CA GLU B 145 35.94 5.40 11.62
C GLU B 145 34.48 5.22 12.09
N LEU B 146 33.53 5.35 11.17
CA LEU B 146 32.10 5.11 11.46
C LEU B 146 31.47 4.19 10.40
N LYS B 147 30.39 3.51 10.78
CA LYS B 147 29.73 2.57 9.87
C LYS B 147 29.03 3.31 8.72
N ASN B 148 28.26 4.32 9.08
CA ASN B 148 27.44 5.07 8.13
C ASN B 148 27.00 6.34 8.84
N GLY B 149 26.15 7.15 8.22
CA GLY B 149 25.69 8.35 8.86
C GLY B 149 24.64 9.15 8.15
N PHE B 150 24.08 10.09 8.89
CA PHE B 150 23.02 10.99 8.44
C PHE B 150 23.41 12.42 8.83
N ALA B 151 23.46 13.33 7.84
CA ALA B 151 23.79 14.74 8.05
C ALA B 151 22.53 15.58 8.07
N VAL B 152 22.22 16.17 9.23
CA VAL B 152 21.01 16.97 9.42
C VAL B 152 21.40 18.41 9.15
N VAL B 153 21.44 18.75 7.86
CA VAL B 153 21.99 20.01 7.38
C VAL B 153 21.01 20.84 6.54
N ARG B 154 21.20 22.15 6.61
CA ARG B 154 20.62 23.12 5.69
C ARG B 154 21.61 24.27 5.64
N PRO B 155 21.57 25.15 4.63
CA PRO B 155 20.69 25.01 3.45
C PRO B 155 21.04 23.79 2.58
N PRO B 156 20.08 23.35 1.74
CA PRO B 156 20.33 22.24 0.83
C PRO B 156 21.36 22.60 -0.24
N GLY B 157 21.84 21.61 -0.96
CA GLY B 157 22.89 21.83 -1.95
C GLY B 157 22.64 21.44 -3.40
N HIS B 158 21.78 20.46 -3.64
CA HIS B 158 21.81 19.77 -4.94
C HIS B 158 21.46 20.58 -6.20
N HIS B 159 20.79 21.72 -6.06
CA HIS B 159 20.53 22.63 -7.21
C HIS B 159 21.65 23.63 -7.49
N ALA B 160 22.63 23.74 -6.58
CA ALA B 160 23.67 24.77 -6.72
C ALA B 160 24.64 24.34 -7.80
N GLU B 161 24.74 25.16 -8.85
CA GLU B 161 25.70 24.92 -9.94
C GLU B 161 27.03 25.62 -9.67
N GLU B 162 28.00 25.38 -10.55
CA GLU B 162 29.36 25.91 -10.41
C GLU B 162 29.40 27.39 -10.05
N SER B 163 28.65 28.20 -10.78
CA SER B 163 28.64 29.64 -10.57
C SER B 163 27.25 30.25 -10.33
N THR B 164 26.27 29.42 -9.93
CA THR B 164 24.89 29.87 -9.80
C THR B 164 24.19 29.23 -8.58
N PRO B 165 23.64 30.04 -7.66
CA PRO B 165 22.73 29.49 -6.66
C PRO B 165 21.37 29.24 -7.31
N MET B 166 20.61 28.30 -6.77
CA MET B 166 19.29 27.97 -7.27
C MET B 166 18.52 27.18 -6.23
N GLY B 167 17.21 27.32 -6.23
CA GLY B 167 16.33 26.44 -5.48
C GLY B 167 16.61 26.35 -3.98
N PHE B 168 16.93 27.50 -3.41
CA PHE B 168 17.33 27.63 -1.99
C PHE B 168 18.69 26.98 -1.65
N CYS B 169 19.48 26.59 -2.65
CA CYS B 169 20.80 26.05 -2.46
C CYS B 169 21.85 27.08 -2.91
N TYR B 170 22.97 27.15 -2.18
CA TYR B 170 24.11 28.01 -2.55
C TYR B 170 25.39 27.23 -2.89
N PHE B 171 25.72 26.27 -2.04
CA PHE B 171 26.85 25.38 -2.30
C PHE B 171 26.36 23.96 -2.26
N ASN B 172 26.92 23.13 -3.14
CA ASN B 172 26.53 21.73 -3.29
C ASN B 172 27.39 20.87 -2.36
N SER B 173 26.88 20.69 -1.15
CA SER B 173 27.54 19.95 -0.09
C SER B 173 27.89 18.52 -0.45
N VAL B 174 26.95 17.77 -1.03
CA VAL B 174 27.22 16.39 -1.42
C VAL B 174 28.32 16.31 -2.49
N ALA B 175 28.26 17.17 -3.51
CA ALA B 175 29.27 17.24 -4.56
C ALA B 175 30.68 17.60 -4.05
N VAL B 176 30.77 18.58 -3.16
CA VAL B 176 32.06 18.95 -2.56
C VAL B 176 32.66 17.77 -1.83
N ALA B 177 31.83 17.09 -1.03
CA ALA B 177 32.28 15.94 -0.27
C ALA B 177 32.83 14.86 -1.19
N ALA B 178 32.13 14.58 -2.28
CA ALA B 178 32.58 13.56 -3.25
C ALA B 178 33.90 13.96 -3.92
N LYS B 179 34.00 15.23 -4.35
CA LYS B 179 35.22 15.75 -4.98
C LYS B 179 36.39 15.69 -4.01
N LEU B 180 36.18 16.08 -2.76
CA LEU B 180 37.22 15.96 -1.74
C LEU B 180 37.63 14.51 -1.47
N LEU B 181 36.69 13.57 -1.48
CA LEU B 181 37.04 12.16 -1.35
C LEU B 181 37.98 11.68 -2.48
N GLN B 182 37.78 12.22 -3.68
CA GLN B 182 38.67 11.94 -4.82
C GLN B 182 40.03 12.63 -4.63
N GLN B 183 40.00 13.92 -4.36
CA GLN B 183 41.22 14.73 -4.32
C GLN B 183 42.05 14.49 -3.06
N ARG B 184 41.43 14.14 -1.94
CA ARG B 184 42.16 13.83 -0.69
C ARG B 184 42.46 12.34 -0.49
N LEU B 185 41.62 11.43 -0.98
CA LEU B 185 41.79 9.98 -0.73
C LEU B 185 41.80 9.09 -1.97
N SER B 186 41.69 9.66 -3.17
CA SER B 186 41.65 8.87 -4.42
C SER B 186 40.64 7.68 -4.43
N VAL B 187 39.50 7.85 -3.77
CA VAL B 187 38.42 6.84 -3.83
C VAL B 187 38.04 6.61 -5.30
N SER B 188 37.97 5.35 -5.69
CA SER B 188 37.93 4.97 -7.10
C SER B 188 36.58 5.22 -7.71
N LYS B 189 35.54 4.76 -7.03
CA LYS B 189 34.18 4.80 -7.51
C LYS B 189 33.28 5.37 -6.44
N ILE B 190 32.61 6.49 -6.74
CA ILE B 190 31.60 7.06 -5.84
C ILE B 190 30.22 6.96 -6.50
N LEU B 191 29.24 6.47 -5.76
CA LEU B 191 27.84 6.50 -6.18
C LEU B 191 27.15 7.62 -5.42
N ILE B 192 26.50 8.53 -6.15
CA ILE B 192 25.60 9.52 -5.54
C ILE B 192 24.17 9.18 -5.97
N VAL B 193 23.32 8.85 -4.98
CA VAL B 193 21.89 8.65 -5.20
C VAL B 193 21.16 9.89 -4.70
N ASP B 194 20.20 10.38 -5.49
CA ASP B 194 19.47 11.61 -5.16
C ASP B 194 17.99 11.22 -5.22
N TRP B 195 17.37 11.04 -4.06
CA TRP B 195 15.95 10.67 -3.99
C TRP B 195 15.04 11.81 -3.55
N ASP B 196 15.60 13.01 -3.40
CA ASP B 196 14.80 14.23 -3.44
C ASP B 196 13.91 14.20 -4.72
N VAL B 197 12.68 14.68 -4.60
CA VAL B 197 11.70 14.58 -5.68
C VAL B 197 12.02 15.50 -6.87
N HIS B 198 12.90 16.48 -6.65
CA HIS B 198 13.42 17.37 -7.69
C HIS B 198 14.78 16.90 -8.19
N HIS B 199 15.04 17.14 -9.47
CA HIS B 199 16.31 16.81 -10.09
C HIS B 199 17.46 17.65 -9.52
N GLY B 200 18.54 17.00 -9.11
CA GLY B 200 19.73 17.70 -8.63
C GLY B 200 20.62 18.09 -9.78
N ASN B 201 20.21 19.14 -10.48
CA ASN B 201 20.92 19.69 -11.66
C ASN B 201 22.37 20.06 -11.31
N GLY B 202 22.60 20.57 -10.10
CA GLY B 202 23.95 20.90 -9.63
C GLY B 202 24.89 19.71 -9.59
N THR B 203 24.42 18.62 -8.98
CA THR B 203 25.23 17.42 -8.84
C THR B 203 25.44 16.78 -10.20
N GLN B 204 24.41 16.74 -11.04
CA GLN B 204 24.58 16.28 -12.41
C GLN B 204 25.70 17.03 -13.11
N GLN B 205 25.67 18.36 -13.03
CA GLN B 205 26.70 19.19 -13.66
C GLN B 205 28.11 18.81 -13.18
N ALA B 206 28.26 18.60 -11.87
CA ALA B 206 29.56 18.41 -11.24
C ALA B 206 30.30 17.16 -11.71
N PHE B 207 29.57 16.13 -12.12
CA PHE B 207 30.18 14.86 -12.41
C PHE B 207 29.85 14.35 -13.82
N TYR B 208 29.33 15.21 -14.69
CA TYR B 208 28.82 14.79 -15.99
C TYR B 208 29.87 14.08 -16.88
N SER B 209 31.13 14.53 -16.78
CA SER B 209 32.26 13.97 -17.56
C SER B 209 33.06 12.86 -16.86
N ASP B 210 32.71 12.55 -15.61
CA ASP B 210 33.54 11.70 -14.78
C ASP B 210 32.97 10.28 -14.72
N PRO B 211 33.70 9.27 -15.23
CA PRO B 211 33.25 7.86 -15.08
C PRO B 211 33.40 7.28 -13.68
N SER B 212 34.24 7.89 -12.83
CA SER B 212 34.47 7.44 -11.45
C SER B 212 33.39 7.87 -10.45
N VAL B 213 32.44 8.70 -10.90
CA VAL B 213 31.29 9.07 -10.08
C VAL B 213 29.99 8.75 -10.83
N LEU B 214 29.15 7.91 -10.22
CA LEU B 214 27.83 7.62 -10.76
C LEU B 214 26.76 8.44 -10.02
N TYR B 215 26.13 9.39 -10.73
CA TYR B 215 24.99 10.16 -10.20
C TYR B 215 23.71 9.50 -10.65
N MET B 216 22.85 9.10 -9.71
CA MET B 216 21.55 8.51 -10.03
C MET B 216 20.46 9.35 -9.35
N SER B 217 19.63 10.02 -10.15
CA SER B 217 18.51 10.80 -9.61
C SER B 217 17.18 10.15 -9.91
N LEU B 218 16.41 9.85 -8.86
CA LEU B 218 14.98 9.60 -8.99
C LEU B 218 14.30 10.94 -8.77
N HIS B 219 13.49 11.39 -9.73
CA HIS B 219 12.82 12.68 -9.59
C HIS B 219 11.54 12.75 -10.42
N ARG B 220 10.62 13.58 -9.95
CA ARG B 220 9.47 13.95 -10.75
C ARG B 220 9.99 14.82 -11.87
N TYR B 221 9.70 14.39 -13.10
CA TYR B 221 10.19 15.04 -14.32
C TYR B 221 9.05 15.55 -15.21
N ASP B 222 8.03 14.73 -15.42
CA ASP B 222 6.83 15.10 -16.19
C ASP B 222 7.18 15.77 -17.53
N ASP B 223 8.03 15.08 -18.30
CA ASP B 223 8.49 15.52 -19.63
C ASP B 223 9.24 16.86 -19.66
N GLY B 224 9.85 17.24 -18.54
CA GLY B 224 10.54 18.53 -18.43
C GLY B 224 9.69 19.68 -17.93
N ASN B 225 8.46 19.40 -17.50
CA ASN B 225 7.49 20.44 -17.11
C ASN B 225 7.22 20.53 -15.61
N PHE B 226 8.22 20.14 -14.81
CA PHE B 226 8.15 20.27 -13.35
C PHE B 226 9.38 21.11 -12.94
N PHE B 227 9.64 21.30 -11.65
CA PHE B 227 10.83 22.03 -11.21
C PHE B 227 12.02 21.10 -10.96
N PRO B 228 13.23 21.43 -11.42
CA PRO B 228 13.55 22.65 -12.18
C PRO B 228 13.30 22.62 -13.68
N GLY B 229 13.04 21.45 -14.26
CA GLY B 229 12.83 21.33 -15.71
C GLY B 229 13.90 20.54 -16.42
N SER B 230 14.97 20.24 -15.68
CA SER B 230 16.09 19.47 -16.15
C SER B 230 15.99 18.00 -15.71
N GLY B 231 16.86 17.17 -16.24
CA GLY B 231 17.03 15.78 -15.80
C GLY B 231 16.29 14.78 -16.64
N ALA B 232 16.43 14.92 -17.96
CA ALA B 232 15.80 14.03 -18.90
C ALA B 232 16.52 12.66 -18.87
N PRO B 233 15.78 11.58 -19.16
CA PRO B 233 16.40 10.25 -19.23
C PRO B 233 17.54 10.11 -20.24
N ASP B 234 17.53 10.90 -21.33
CA ASP B 234 18.60 10.82 -22.34
C ASP B 234 19.89 11.59 -22.00
N GLU B 235 19.93 12.22 -20.83
CA GLU B 235 21.17 12.81 -20.31
C GLU B 235 21.94 11.73 -19.58
N VAL B 236 22.86 11.10 -20.31
CA VAL B 236 23.65 9.94 -19.82
C VAL B 236 25.09 10.26 -19.42
N GLY B 237 25.52 11.50 -19.67
CA GLY B 237 26.89 11.94 -19.41
C GLY B 237 27.55 12.36 -20.71
N THR B 238 28.78 12.81 -20.60
CA THR B 238 29.52 13.33 -21.76
C THR B 238 30.97 12.87 -21.68
N GLY B 239 31.60 12.70 -22.84
CA GLY B 239 32.98 12.24 -22.93
C GLY B 239 33.15 10.87 -22.26
N PRO B 240 34.22 10.69 -21.46
CA PRO B 240 34.34 9.41 -20.77
C PRO B 240 33.26 9.13 -19.71
N GLY B 241 32.49 10.14 -19.30
CA GLY B 241 31.39 9.96 -18.35
C GLY B 241 30.10 9.41 -18.94
N VAL B 242 30.07 9.16 -20.25
CA VAL B 242 28.93 8.57 -20.95
C VAL B 242 28.48 7.27 -20.27
N GLY B 243 27.20 7.19 -19.90
CA GLY B 243 26.63 6.06 -19.16
C GLY B 243 26.59 6.21 -17.65
N PHE B 244 27.30 7.20 -17.11
CA PHE B 244 27.44 7.32 -15.67
C PHE B 244 26.61 8.47 -15.08
N ASN B 245 25.61 8.96 -15.84
CA ASN B 245 24.58 9.83 -15.29
C ASN B 245 23.25 9.14 -15.56
N VAL B 246 22.53 8.77 -14.49
CA VAL B 246 21.26 8.05 -14.64
C VAL B 246 20.12 8.85 -14.06
N ASN B 247 19.29 9.41 -14.94
CA ASN B 247 18.09 10.13 -14.55
C ASN B 247 16.88 9.22 -14.60
N MET B 248 16.48 8.70 -13.43
CA MET B 248 15.28 7.89 -13.28
C MET B 248 14.11 8.87 -13.13
N ALA B 249 13.71 9.39 -14.28
CA ALA B 249 12.76 10.49 -14.37
C ALA B 249 11.33 9.96 -14.49
N PHE B 250 10.48 10.32 -13.54
CA PHE B 250 9.07 9.94 -13.54
C PHE B 250 8.25 10.96 -14.31
N THR B 251 7.46 10.45 -15.28
CA THR B 251 6.68 11.27 -16.20
C THR B 251 5.21 10.79 -16.22
N GLY B 252 4.28 11.70 -16.48
CA GLY B 252 2.84 11.38 -16.47
C GLY B 252 2.09 12.04 -15.32
N GLY B 253 2.80 12.80 -14.49
CA GLY B 253 2.16 13.68 -13.55
C GLY B 253 1.63 12.91 -12.36
N LEU B 254 0.54 13.43 -11.80
CA LEU B 254 -0.03 12.89 -10.58
C LEU B 254 -1.31 12.09 -10.89
N ASP B 255 -1.27 11.32 -11.98
CA ASP B 255 -2.45 10.65 -12.54
C ASP B 255 -2.16 9.14 -12.71
N PRO B 256 -2.10 8.34 -11.65
CA PRO B 256 -2.14 8.76 -10.24
C PRO B 256 -0.75 9.10 -9.69
N PRO B 257 -0.70 9.72 -8.49
CA PRO B 257 0.60 10.05 -7.89
C PRO B 257 1.44 8.82 -7.58
N MET B 258 2.75 9.01 -7.65
CA MET B 258 3.71 7.98 -7.37
C MET B 258 3.76 7.75 -5.87
N GLY B 259 3.94 6.49 -5.50
CA GLY B 259 4.07 6.07 -4.11
C GLY B 259 5.06 4.95 -3.93
N ASP B 260 4.90 4.20 -2.85
CA ASP B 260 5.87 3.17 -2.46
C ASP B 260 6.07 2.13 -3.54
N ALA B 261 4.98 1.64 -4.13
CA ALA B 261 5.10 0.62 -5.18
C ALA B 261 6.00 1.05 -6.34
N GLU B 262 5.91 2.32 -6.70
CA GLU B 262 6.62 2.86 -7.85
C GLU B 262 8.10 3.05 -7.51
N TYR B 263 8.38 3.58 -6.32
CA TYR B 263 9.76 3.79 -5.87
C TYR B 263 10.48 2.46 -5.55
N LEU B 264 9.77 1.52 -4.92
CA LEU B 264 10.32 0.19 -4.70
C LEU B 264 10.62 -0.49 -6.04
N ALA B 265 9.72 -0.35 -7.01
CA ALA B 265 9.97 -0.91 -8.35
C ALA B 265 11.15 -0.22 -9.07
N ALA B 266 11.22 1.11 -9.01
CA ALA B 266 12.33 1.83 -9.60
C ALA B 266 13.66 1.38 -8.99
N PHE B 267 13.67 1.15 -7.68
CA PHE B 267 14.87 0.66 -7.01
C PHE B 267 15.30 -0.74 -7.42
N ARG B 268 14.35 -1.66 -7.53
CA ARG B 268 14.63 -3.04 -7.93
C ARG B 268 14.91 -3.19 -9.41
N THR B 269 14.32 -2.32 -10.23
CA THR B 269 14.40 -2.45 -11.69
C THR B 269 15.56 -1.65 -12.31
N VAL B 270 15.84 -0.47 -11.76
CA VAL B 270 16.80 0.47 -12.38
C VAL B 270 17.97 0.76 -11.43
N VAL B 271 17.68 1.26 -10.24
CA VAL B 271 18.72 1.78 -9.34
C VAL B 271 19.67 0.69 -8.83
N MET B 272 19.13 -0.35 -8.20
CA MET B 272 19.99 -1.39 -7.60
C MET B 272 20.78 -2.19 -8.63
N PRO B 273 20.14 -2.64 -9.73
CA PRO B 273 20.91 -3.30 -10.79
C PRO B 273 22.13 -2.48 -11.24
N ILE B 274 21.93 -1.21 -11.60
CA ILE B 274 23.04 -0.36 -12.07
C ILE B 274 24.06 -0.12 -10.95
N ALA B 275 23.59 0.25 -9.74
CA ALA B 275 24.47 0.48 -8.59
C ALA B 275 25.32 -0.75 -8.19
N SER B 276 24.72 -1.93 -8.26
CA SER B 276 25.42 -3.19 -7.96
C SER B 276 26.52 -3.45 -8.99
N GLU B 277 26.20 -3.25 -10.27
CA GLU B 277 27.18 -3.42 -11.34
C GLU B 277 28.35 -2.43 -11.26
N PHE B 278 28.04 -1.18 -10.93
CA PHE B 278 29.05 -0.15 -10.75
C PHE B 278 30.01 -0.51 -9.62
N ALA B 279 29.47 -1.05 -8.53
CA ALA B 279 30.25 -1.57 -7.39
C ALA B 279 31.04 -0.44 -6.70
N PRO B 280 30.33 0.53 -6.12
CA PRO B 280 31.01 1.70 -5.58
C PRO B 280 31.74 1.40 -4.28
N ASP B 281 32.74 2.21 -3.98
CA ASP B 281 33.49 2.10 -2.73
C ASP B 281 32.82 2.90 -1.62
N VAL B 282 32.08 3.93 -2.00
CA VAL B 282 31.30 4.75 -1.06
C VAL B 282 30.01 5.26 -1.73
N VAL B 283 28.95 5.37 -0.95
CA VAL B 283 27.66 5.83 -1.42
C VAL B 283 27.25 7.10 -0.68
N LEU B 284 27.02 8.18 -1.44
CA LEU B 284 26.47 9.42 -0.89
C LEU B 284 25.01 9.55 -1.31
N VAL B 285 24.14 9.95 -0.38
CA VAL B 285 22.72 10.13 -0.70
C VAL B 285 22.30 11.56 -0.49
N SER B 286 21.82 12.18 -1.56
CA SER B 286 21.16 13.48 -1.49
C SER B 286 19.73 13.20 -1.06
N SER B 287 19.51 13.30 0.25
CA SER B 287 18.32 12.72 0.88
C SER B 287 17.25 13.77 1.17
N GLY B 288 16.56 14.19 0.12
CA GLY B 288 15.35 14.97 0.26
C GLY B 288 14.18 14.07 0.62
N PHE B 289 13.25 14.60 1.40
CA PHE B 289 12.04 13.87 1.79
C PHE B 289 10.77 14.57 1.30
N ASP B 290 10.88 15.32 0.21
CA ASP B 290 9.71 15.99 -0.40
C ASP B 290 8.83 15.05 -1.25
N ALA B 291 9.28 13.81 -1.48
CA ALA B 291 8.41 12.78 -2.08
C ALA B 291 7.38 12.21 -1.09
N VAL B 292 7.58 12.45 0.20
CA VAL B 292 6.65 11.97 1.23
C VAL B 292 5.29 12.66 1.08
N GLU B 293 4.25 11.90 1.38
CA GLU B 293 2.88 12.39 1.42
C GLU B 293 2.78 13.62 2.32
N GLY B 294 1.97 14.59 1.89
CA GLY B 294 1.85 15.88 2.58
C GLY B 294 2.49 17.05 1.87
N HIS B 295 3.28 16.81 0.83
CA HIS B 295 3.89 17.88 0.05
C HIS B 295 3.05 18.19 -1.19
N PRO B 296 2.34 19.34 -1.19
CA PRO B 296 1.64 19.70 -2.44
C PRO B 296 2.60 20.14 -3.54
N THR B 297 2.17 19.95 -4.78
CA THR B 297 2.90 20.45 -5.95
C THR B 297 2.99 22.01 -5.85
N PRO B 298 4.10 22.64 -6.24
CA PRO B 298 5.28 22.00 -6.83
C PRO B 298 6.39 21.66 -5.83
N LEU B 299 6.10 21.59 -4.54
CA LEU B 299 7.08 21.09 -3.59
C LEU B 299 7.20 19.58 -3.67
N GLY B 300 6.16 18.91 -4.17
CA GLY B 300 6.18 17.47 -4.32
C GLY B 300 5.02 16.99 -5.15
N GLY B 301 4.01 16.43 -4.49
CA GLY B 301 2.82 15.87 -5.15
C GLY B 301 2.76 14.36 -5.15
N TYR B 302 3.80 13.70 -4.63
CA TYR B 302 3.83 12.24 -4.51
C TYR B 302 3.37 11.80 -3.14
N ASN B 303 3.12 10.49 -3.01
CA ASN B 303 2.50 9.92 -1.80
C ASN B 303 3.31 8.79 -1.17
N LEU B 304 4.63 8.97 -1.08
CA LEU B 304 5.46 7.99 -0.38
C LEU B 304 5.15 8.02 1.10
N SER B 305 5.22 6.86 1.74
CA SER B 305 5.20 6.78 3.18
C SER B 305 6.63 7.11 3.65
N ALA B 306 6.72 7.72 4.81
CA ALA B 306 8.00 7.97 5.46
C ALA B 306 8.82 6.69 5.62
N ARG B 307 8.18 5.62 6.07
CA ARG B 307 8.78 4.27 6.21
C ARG B 307 9.57 3.79 5.00
N CYS B 308 9.04 4.07 3.81
CA CYS B 308 9.64 3.58 2.56
C CYS B 308 11.09 4.01 2.40
N PHE B 309 11.44 5.18 2.91
CA PHE B 309 12.83 5.65 2.90
C PHE B 309 13.74 4.81 3.78
N GLY B 310 13.18 4.23 4.85
CA GLY B 310 13.87 3.21 5.62
C GLY B 310 14.25 2.00 4.80
N TYR B 311 13.31 1.51 3.99
CA TYR B 311 13.56 0.34 3.14
C TYR B 311 14.49 0.64 1.98
N LEU B 312 14.39 1.84 1.39
CA LEU B 312 15.35 2.27 0.37
C LEU B 312 16.76 2.43 0.95
N THR B 313 16.84 2.93 2.19
CA THR B 313 18.12 3.05 2.90
C THR B 313 18.76 1.67 3.16
N LYS B 314 17.94 0.71 3.62
CA LYS B 314 18.39 -0.68 3.84
C LYS B 314 18.92 -1.32 2.57
N GLN B 315 18.27 -1.08 1.43
CA GLN B 315 18.77 -1.56 0.14
C GLN B 315 20.14 -0.97 -0.24
N LEU B 316 20.31 0.34 -0.06
CA LEU B 316 21.61 1.01 -0.36
C LEU B 316 22.72 0.59 0.59
N MET B 317 22.37 0.25 1.83
CA MET B 317 23.32 -0.30 2.80
C MET B 317 23.98 -1.62 2.38
N GLY B 318 23.39 -2.34 1.43
CA GLY B 318 23.99 -3.56 0.87
C GLY B 318 25.14 -3.31 -0.10
N LEU B 319 25.35 -2.05 -0.49
CA LEU B 319 26.46 -1.64 -1.36
C LEU B 319 27.61 -1.07 -0.57
N ALA B 320 28.79 -1.05 -1.19
CA ALA B 320 29.97 -0.35 -0.68
C ALA B 320 30.42 -0.75 0.73
N GLY B 321 30.16 -2.00 1.12
CA GLY B 321 30.47 -2.46 2.48
C GLY B 321 29.74 -1.69 3.56
N GLY B 322 28.54 -1.19 3.25
CA GLY B 322 27.78 -0.36 4.19
C GLY B 322 28.25 1.08 4.37
N ARG B 323 29.24 1.52 3.57
CA ARG B 323 29.74 2.89 3.66
C ARG B 323 28.78 3.88 2.95
N ILE B 324 27.72 4.24 3.66
CA ILE B 324 26.61 5.04 3.12
C ILE B 324 26.49 6.29 4.00
N VAL B 325 26.35 7.46 3.37
CA VAL B 325 26.07 8.71 4.06
C VAL B 325 24.89 9.44 3.42
N LEU B 326 23.88 9.75 4.22
CA LEU B 326 22.71 10.52 3.77
C LEU B 326 22.86 11.97 4.24
N ALA B 327 22.52 12.92 3.36
CA ALA B 327 22.52 14.35 3.71
C ALA B 327 21.20 14.94 3.30
N LEU B 328 20.58 15.67 4.22
CA LEU B 328 19.27 16.27 3.99
C LEU B 328 19.36 17.26 2.83
N GLU B 329 18.42 17.16 1.89
CA GLU B 329 18.26 18.13 0.84
C GLU B 329 16.92 18.83 1.11
N GLY B 330 15.89 18.56 0.29
CA GLY B 330 14.57 19.14 0.46
C GLY B 330 13.66 18.34 1.37
N GLY B 331 12.38 18.69 1.32
CA GLY B 331 11.39 18.23 2.26
C GLY B 331 11.05 19.36 3.20
N HIS B 332 9.75 19.63 3.35
CA HIS B 332 9.23 20.85 3.94
C HIS B 332 8.26 20.56 5.10
N ASP B 333 7.33 19.63 4.90
CA ASP B 333 6.36 19.23 5.92
C ASP B 333 7.08 18.56 7.08
N LEU B 334 6.96 19.16 8.27
CA LEU B 334 7.80 18.79 9.41
C LEU B 334 7.59 17.37 9.88
N THR B 335 6.33 16.93 9.92
CA THR B 335 5.99 15.57 10.33
C THR B 335 6.53 14.55 9.33
N ALA B 336 6.33 14.83 8.04
CA ALA B 336 6.88 14.01 6.96
C ALA B 336 8.40 13.83 7.07
N ILE B 337 9.13 14.94 7.14
CA ILE B 337 10.61 14.88 7.16
C ILE B 337 11.18 14.31 8.47
N CYS B 338 10.47 14.52 9.58
CA CYS B 338 10.84 13.89 10.86
C CYS B 338 10.60 12.37 10.85
N ASP B 339 9.45 11.93 10.31
CA ASP B 339 9.16 10.49 10.17
C ASP B 339 10.17 9.81 9.26
N ALA B 340 10.46 10.42 8.12
CA ALA B 340 11.42 9.88 7.15
C ALA B 340 12.85 9.83 7.68
N SER B 341 13.27 10.87 8.39
CA SER B 341 14.60 10.92 9.00
C SER B 341 14.74 9.83 10.07
N GLU B 342 13.72 9.69 10.91
CA GLU B 342 13.63 8.62 11.92
C GLU B 342 13.73 7.23 11.29
N ALA B 343 12.95 7.00 10.23
CA ALA B 343 12.99 5.74 9.47
C ALA B 343 14.36 5.45 8.84
N CYS B 344 15.03 6.49 8.33
CA CYS B 344 16.35 6.32 7.73
C CYS B 344 17.44 6.02 8.77
N VAL B 345 17.41 6.72 9.90
CA VAL B 345 18.40 6.52 10.95
C VAL B 345 18.22 5.13 11.59
N SER B 346 16.97 4.69 11.74
CA SER B 346 16.67 3.33 12.24
C SER B 346 17.28 2.27 11.33
N ALA B 347 17.09 2.48 10.02
CA ALA B 347 17.65 1.58 9.02
C ALA B 347 19.17 1.55 9.09
N LEU B 348 19.79 2.73 9.22
CA LEU B 348 21.26 2.83 9.36
C LEU B 348 21.82 2.09 10.59
N LEU B 349 21.07 2.10 11.69
CA LEU B 349 21.41 1.34 12.91
C LEU B 349 21.11 -0.18 12.84
N GLY B 350 20.25 -0.62 11.92
CA GLY B 350 19.83 -2.03 11.83
C GLY B 350 18.58 -2.39 12.64
N ASN B 351 17.80 -1.38 13.02
CA ASN B 351 16.61 -1.58 13.86
C ASN B 351 15.45 -2.29 13.13
N ASP B 354 8.67 -0.71 11.03
CA ASP B 354 7.24 -0.88 10.76
C ASP B 354 7.06 -1.45 9.34
N PRO B 355 6.19 -2.47 9.17
CA PRO B 355 6.07 -3.13 7.87
C PRO B 355 5.23 -2.33 6.88
N LEU B 356 5.44 -2.58 5.59
CA LEU B 356 4.59 -2.02 4.54
C LEU B 356 3.30 -2.84 4.54
N PRO B 357 2.15 -2.23 4.19
CA PRO B 357 0.94 -3.06 4.10
C PRO B 357 1.08 -4.16 3.04
N GLU B 358 0.35 -5.26 3.23
CA GLU B 358 0.47 -6.42 2.36
C GLU B 358 0.04 -6.09 0.93
N LYS B 359 -0.96 -5.22 0.78
CA LYS B 359 -1.45 -4.79 -0.54
C LYS B 359 -0.38 -4.03 -1.34
N VAL B 360 0.51 -3.29 -0.68
CA VAL B 360 1.63 -2.63 -1.35
C VAL B 360 2.63 -3.67 -1.92
N LEU B 361 2.89 -4.74 -1.19
CA LEU B 361 3.78 -5.83 -1.66
C LEU B 361 3.23 -6.57 -2.90
N GLN B 362 1.91 -6.55 -3.05
CA GLN B 362 1.21 -7.09 -4.22
C GLN B 362 0.98 -6.08 -5.35
N GLN B 363 1.26 -4.80 -5.09
CA GLN B 363 0.87 -3.71 -5.98
C GLN B 363 1.89 -3.56 -7.08
N ARG B 364 1.42 -3.53 -8.31
CA ARG B 364 2.24 -3.20 -9.45
C ARG B 364 2.60 -1.70 -9.45
N PRO B 365 3.72 -1.34 -10.07
CA PRO B 365 3.95 0.09 -10.35
C PRO B 365 2.94 0.62 -11.38
N ASN B 366 2.45 1.85 -11.20
CA ASN B 366 1.41 2.38 -12.08
C ASN B 366 1.92 2.55 -13.50
N ALA B 367 0.98 2.73 -14.43
CA ALA B 367 1.28 2.76 -15.87
C ALA B 367 2.26 3.85 -16.29
N ASN B 368 2.26 4.99 -15.62
CA ASN B 368 3.16 6.09 -15.93
C ASN B 368 4.58 5.75 -15.47
N ALA B 369 4.69 5.17 -14.28
CA ALA B 369 5.97 4.68 -13.76
C ALA B 369 6.63 3.64 -14.67
N VAL B 370 5.84 2.73 -15.22
CA VAL B 370 6.33 1.69 -16.15
C VAL B 370 6.86 2.30 -17.44
N ARG B 371 6.06 3.17 -18.02
CA ARG B 371 6.47 3.96 -19.20
C ARG B 371 7.77 4.72 -18.91
N SER B 372 7.88 5.31 -17.73
CA SER B 372 9.06 6.06 -17.31
C SER B 372 10.30 5.18 -17.18
N MET B 373 10.16 4.06 -16.45
CA MET B 373 11.25 3.09 -16.30
C MET B 373 11.70 2.48 -17.62
N GLU B 374 10.75 2.15 -18.51
CA GLU B 374 11.09 1.55 -19.81
C GLU B 374 11.91 2.51 -20.67
N LYS B 375 11.59 3.80 -20.66
CA LYS B 375 12.40 4.80 -21.39
C LYS B 375 13.85 4.82 -20.88
N VAL B 376 14.01 4.85 -19.56
CA VAL B 376 15.33 4.85 -18.91
C VAL B 376 16.11 3.57 -19.23
N MET B 377 15.40 2.43 -19.23
CA MET B 377 16.04 1.13 -19.52
C MET B 377 16.50 1.00 -20.95
N GLU B 378 15.63 1.37 -21.89
CA GLU B 378 15.98 1.44 -23.32
C GLU B 378 17.24 2.28 -23.53
N ILE B 379 17.33 3.44 -22.88
CA ILE B 379 18.52 4.30 -23.00
C ILE B 379 19.76 3.66 -22.39
N HIS B 380 19.66 3.22 -21.14
CA HIS B 380 20.82 2.72 -20.40
C HIS B 380 21.17 1.25 -20.66
N SER B 381 20.37 0.54 -21.46
CA SER B 381 20.77 -0.75 -22.03
C SER B 381 22.08 -0.67 -22.82
N LYS B 382 22.34 0.49 -23.43
CA LYS B 382 23.57 0.74 -24.18
C LYS B 382 24.85 0.74 -23.32
N TYR B 383 24.74 0.98 -22.01
CA TYR B 383 25.92 1.15 -21.13
C TYR B 383 26.04 0.21 -19.95
N TRP B 384 25.01 -0.59 -19.67
CA TRP B 384 24.99 -1.42 -18.46
C TRP B 384 24.64 -2.86 -18.82
N ARG B 385 25.49 -3.79 -18.41
CA ARG B 385 25.30 -5.22 -18.69
C ARG B 385 23.95 -5.69 -18.14
N CYS B 386 23.60 -5.27 -16.93
CA CYS B 386 22.32 -5.65 -16.27
C CYS B 386 21.03 -5.28 -17.02
N LEU B 387 21.11 -4.36 -18.00
CA LEU B 387 19.97 -3.96 -18.83
C LEU B 387 20.14 -4.28 -20.34
N GLN B 388 21.17 -5.04 -20.72
CA GLN B 388 21.41 -5.35 -22.12
C GLN B 388 20.36 -6.35 -22.64
N GLY C 2 -32.40 13.22 -6.10
CA GLY C 2 -33.45 13.13 -7.16
C GLY C 2 -34.84 12.99 -6.58
N SER C 3 -35.84 12.99 -7.46
CA SER C 3 -37.24 12.96 -7.03
C SER C 3 -37.69 11.59 -6.52
N THR C 4 -37.09 10.50 -7.00
CA THR C 4 -37.40 9.14 -6.52
C THR C 4 -36.24 8.47 -5.75
N LYS C 5 -34.98 8.76 -6.13
CA LYS C 5 -33.79 8.27 -5.43
C LYS C 5 -32.94 9.45 -4.93
N PRO C 6 -32.41 9.36 -3.70
CA PRO C 6 -31.66 10.51 -3.17
C PRO C 6 -30.32 10.71 -3.87
N ARG C 7 -29.81 11.93 -3.82
CA ARG C 7 -28.43 12.23 -4.21
C ARG C 7 -27.48 11.32 -3.43
N PHE C 8 -26.40 10.88 -4.07
CA PHE C 8 -25.38 10.08 -3.40
C PHE C 8 -24.49 11.04 -2.61
N THR C 9 -24.94 11.39 -1.41
CA THR C 9 -24.26 12.41 -0.60
C THR C 9 -24.45 12.15 0.87
N THR C 10 -24.08 13.13 1.70
CA THR C 10 -24.17 13.00 3.14
C THR C 10 -25.63 13.02 3.57
N GLY C 11 -26.01 12.01 4.35
CA GLY C 11 -27.34 11.94 4.93
C GLY C 11 -27.37 12.50 6.35
N LEU C 12 -28.49 13.12 6.71
CA LEU C 12 -28.77 13.53 8.09
C LEU C 12 -30.07 12.89 8.55
N VAL C 13 -30.15 12.57 9.84
CA VAL C 13 -31.42 12.14 10.45
C VAL C 13 -31.65 12.87 11.78
N TYR C 14 -32.90 13.24 12.00
CA TYR C 14 -33.31 14.05 13.15
C TYR C 14 -34.81 13.85 13.28
N ASP C 15 -35.35 14.07 14.47
CA ASP C 15 -36.80 14.01 14.70
C ASP C 15 -37.17 14.83 15.91
N THR C 16 -38.14 15.73 15.73
CA THR C 16 -38.62 16.58 16.83
C THR C 16 -39.18 15.76 17.98
N LEU C 17 -39.71 14.57 17.73
CA LEU C 17 -40.22 13.71 18.81
C LEU C 17 -39.13 13.25 19.82
N MET C 18 -37.85 13.28 19.45
CA MET C 18 -36.77 13.01 20.42
C MET C 18 -36.60 14.13 21.45
N LEU C 19 -37.11 15.32 21.14
CA LEU C 19 -37.13 16.43 22.09
C LEU C 19 -38.05 16.21 23.29
N LYS C 20 -39.00 15.28 23.17
CA LYS C 20 -39.98 15.01 24.22
C LYS C 20 -39.49 14.03 25.27
N HIS C 21 -38.27 13.52 25.10
CA HIS C 21 -37.53 12.91 26.21
C HIS C 21 -37.04 14.05 27.09
N GLN C 22 -37.95 14.57 27.90
CA GLN C 22 -37.74 15.81 28.64
C GLN C 22 -38.53 15.71 29.92
N CYS C 23 -37.90 16.14 31.01
CA CYS C 23 -38.57 16.26 32.29
C CYS C 23 -39.65 17.34 32.19
N THR C 24 -40.75 17.15 32.93
CA THR C 24 -41.90 18.07 32.84
C THR C 24 -41.68 19.47 33.44
N CYS C 25 -40.65 19.62 34.28
CA CYS C 25 -40.28 20.92 34.90
C CYS C 25 -39.85 22.01 33.92
N SER C 30 -30.61 22.32 33.28
CA SER C 30 -30.84 21.81 34.63
C SER C 30 -30.45 20.32 34.73
N HIS C 31 -31.06 19.49 33.87
CA HIS C 31 -30.66 18.09 33.70
C HIS C 31 -29.70 18.06 32.49
N PRO C 32 -28.56 17.36 32.59
CA PRO C 32 -27.51 17.56 31.57
C PRO C 32 -27.82 17.00 30.17
N GLU C 33 -28.47 15.85 30.10
CA GLU C 33 -28.89 15.27 28.83
C GLU C 33 -30.30 15.81 28.48
N HIS C 34 -30.35 16.96 27.83
CA HIS C 34 -31.62 17.67 27.58
C HIS C 34 -31.84 17.98 26.10
N ALA C 35 -33.09 18.28 25.78
CA ALA C 35 -33.57 18.39 24.40
C ALA C 35 -32.83 19.43 23.55
N GLY C 36 -32.43 20.54 24.19
CA GLY C 36 -31.70 21.62 23.54
C GLY C 36 -30.41 21.18 22.85
N ARG C 37 -29.83 20.06 23.33
CA ARG C 37 -28.65 19.48 22.70
C ARG C 37 -28.88 19.24 21.22
N ILE C 38 -29.85 18.40 20.86
CA ILE C 38 -30.12 18.13 19.45
C ILE C 38 -30.82 19.28 18.71
N GLN C 39 -31.64 20.06 19.42
CA GLN C 39 -32.30 21.25 18.84
C GLN C 39 -31.24 22.25 18.37
N SER C 40 -30.25 22.54 19.21
CA SER C 40 -29.17 23.47 18.88
C SER C 40 -28.34 23.05 17.68
N ILE C 41 -27.94 21.77 17.65
CA ILE C 41 -27.17 21.22 16.53
C ILE C 41 -27.97 21.35 15.23
N TRP C 42 -29.26 21.05 15.30
CA TRP C 42 -30.11 21.07 14.10
C TRP C 42 -30.25 22.49 13.53
N SER C 43 -30.45 23.47 14.41
CA SER C 43 -30.46 24.89 14.00
C SER C 43 -29.14 25.36 13.38
N ARG C 44 -28.01 24.96 13.98
CA ARG C 44 -26.70 25.34 13.41
C ARG C 44 -26.47 24.73 12.04
N LEU C 45 -26.89 23.49 11.84
CA LEU C 45 -26.77 22.85 10.52
C LEU C 45 -27.60 23.60 9.43
N GLN C 46 -28.73 24.20 9.80
CA GLN C 46 -29.47 25.02 8.84
C GLN C 46 -28.89 26.41 8.70
N GLU C 47 -28.59 27.07 9.82
CA GLU C 47 -27.93 28.39 9.82
C GLU C 47 -26.71 28.40 8.92
N THR C 48 -25.93 27.32 8.96
CA THR C 48 -24.67 27.23 8.20
C THR C 48 -24.83 26.77 6.75
N GLY C 49 -26.05 26.37 6.36
CA GLY C 49 -26.34 25.88 5.01
C GLY C 49 -25.94 24.43 4.78
N LEU C 50 -25.51 23.73 5.83
CA LEU C 50 -25.03 22.35 5.67
C LEU C 50 -26.19 21.40 5.45
N ARG C 51 -27.31 21.69 6.10
CA ARG C 51 -28.54 20.88 5.96
C ARG C 51 -29.07 20.86 4.52
N GLY C 52 -29.04 22.01 3.86
CA GLY C 52 -29.37 22.11 2.43
C GLY C 52 -28.49 21.30 1.49
N LYS C 53 -27.23 21.04 1.88
CA LYS C 53 -26.31 20.19 1.11
C LYS C 53 -26.46 18.69 1.34
N CYS C 54 -27.18 18.30 2.39
CA CYS C 54 -27.36 16.90 2.78
C CYS C 54 -28.74 16.38 2.37
N GLU C 55 -28.88 15.06 2.33
CA GLU C 55 -30.18 14.39 2.21
C GLU C 55 -30.76 14.13 3.61
N CYS C 56 -31.83 14.83 3.96
CA CYS C 56 -32.49 14.63 5.25
C CYS C 56 -33.51 13.51 5.10
N ILE C 57 -33.33 12.42 5.85
CA ILE C 57 -34.20 11.24 5.76
C ILE C 57 -35.16 11.24 6.92
N ARG C 58 -36.18 10.39 6.81
CA ARG C 58 -37.18 10.21 7.86
C ARG C 58 -36.78 9.02 8.72
N GLY C 59 -36.75 9.23 10.02
CA GLY C 59 -36.53 8.14 10.96
C GLY C 59 -37.80 7.37 11.25
N ARG C 60 -37.68 6.42 12.17
CA ARG C 60 -38.81 5.63 12.66
C ARG C 60 -38.45 5.13 14.06
N LYS C 61 -39.45 4.74 14.85
CA LYS C 61 -39.22 3.95 16.07
C LYS C 61 -38.65 2.59 15.67
N ALA C 62 -37.62 2.14 16.39
CA ALA C 62 -37.15 0.76 16.28
C ALA C 62 -38.22 -0.15 16.89
N THR C 63 -38.38 -1.35 16.32
CA THR C 63 -39.30 -2.35 16.88
C THR C 63 -38.66 -2.95 18.12
N LEU C 64 -39.46 -3.59 18.97
CA LEU C 64 -38.93 -4.27 20.15
C LEU C 64 -37.95 -5.39 19.79
N GLU C 65 -38.25 -6.13 18.72
CA GLU C 65 -37.34 -7.19 18.21
C GLU C 65 -35.97 -6.68 17.77
N GLU C 66 -35.95 -5.52 17.10
CA GLU C 66 -34.69 -4.86 16.75
C GLU C 66 -33.86 -4.52 18.00
N LEU C 67 -34.50 -3.97 19.03
CA LEU C 67 -33.82 -3.64 20.28
C LEU C 67 -33.26 -4.90 20.94
N GLN C 68 -33.97 -6.00 20.79
CA GLN C 68 -33.59 -7.31 21.35
C GLN C 68 -32.37 -7.98 20.69
N THR C 69 -31.83 -7.44 19.60
CA THR C 69 -30.50 -7.84 19.11
C THR C 69 -29.36 -7.49 20.11
N VAL C 70 -29.60 -6.51 20.97
CA VAL C 70 -28.65 -6.11 22.02
C VAL C 70 -29.18 -6.29 23.45
N HIS C 71 -30.46 -5.99 23.69
CA HIS C 71 -31.01 -5.92 25.05
C HIS C 71 -31.95 -7.05 25.38
N SER C 72 -32.17 -7.27 26.67
CA SER C 72 -33.15 -8.27 27.13
C SER C 72 -34.57 -7.80 26.84
N GLU C 73 -35.49 -8.77 26.78
CA GLU C 73 -36.88 -8.52 26.51
C GLU C 73 -37.48 -7.63 27.61
N ALA C 74 -37.17 -7.96 28.87
CA ALA C 74 -37.63 -7.19 30.04
C ALA C 74 -37.18 -5.72 30.03
N HIS C 75 -35.90 -5.50 29.73
CA HIS C 75 -35.35 -4.14 29.57
C HIS C 75 -36.05 -3.37 28.43
N THR C 76 -36.27 -4.05 27.31
CA THR C 76 -36.99 -3.51 26.14
C THR C 76 -38.47 -3.14 26.45
N LEU C 77 -39.14 -3.93 27.28
CA LEU C 77 -40.52 -3.65 27.70
C LEU C 77 -40.58 -2.54 28.73
N LEU C 78 -39.67 -2.55 29.69
CA LEU C 78 -39.62 -1.52 30.73
C LEU C 78 -39.38 -0.10 30.16
N TYR C 79 -38.47 0.04 29.19
CA TYR C 79 -38.12 1.35 28.65
C TYR C 79 -38.62 1.62 27.21
N GLY C 80 -39.20 0.62 26.53
CA GLY C 80 -39.71 0.78 25.15
C GLY C 80 -41.23 0.79 25.01
N THR C 81 -41.95 0.55 26.11
CA THR C 81 -43.40 0.64 26.14
C THR C 81 -43.78 1.45 27.37
N ASN C 82 -44.94 2.12 27.31
CA ASN C 82 -45.47 2.81 28.48
C ASN C 82 -46.96 2.51 28.63
N PRO C 83 -47.30 1.23 28.90
CA PRO C 83 -48.70 0.87 29.12
C PRO C 83 -49.20 1.50 30.42
N LEU C 84 -50.44 1.99 30.39
CA LEU C 84 -51.01 2.73 31.52
C LEU C 84 -51.55 1.77 32.60
N ASN C 85 -50.65 1.02 33.24
CA ASN C 85 -51.03 -0.03 34.19
C ASN C 85 -51.13 0.51 35.61
N THR C 116 -31.12 11.66 35.66
CA THR C 116 -31.59 10.42 35.03
C THR C 116 -33.12 10.50 34.83
N ILE C 117 -33.53 11.54 34.13
CA ILE C 117 -34.96 11.85 33.92
C ILE C 117 -35.71 10.84 33.04
N TRP C 118 -37.02 10.77 33.24
CA TRP C 118 -37.88 9.92 32.41
C TRP C 118 -39.27 10.53 32.21
N ASN C 119 -39.63 10.76 30.95
CA ASN C 119 -40.98 11.22 30.63
C ASN C 119 -41.92 10.02 30.47
N GLU C 120 -42.79 9.88 31.47
CA GLU C 120 -43.90 8.91 31.51
C GLU C 120 -44.70 8.75 30.19
N VAL C 121 -44.83 9.81 29.40
CA VAL C 121 -45.60 9.81 28.14
C VAL C 121 -44.75 9.55 26.88
N HIS C 122 -43.58 10.19 26.78
CA HIS C 122 -42.83 10.28 25.52
C HIS C 122 -41.48 9.59 25.45
N SER C 123 -40.87 9.29 26.60
CA SER C 123 -39.47 8.81 26.62
C SER C 123 -39.33 7.44 25.97
N ALA C 124 -40.33 6.59 26.13
CA ALA C 124 -40.30 5.27 25.49
C ALA C 124 -40.20 5.39 23.97
N GLY C 125 -41.01 6.28 23.40
CA GLY C 125 -41.00 6.52 21.98
C GLY C 125 -39.71 7.18 21.51
N ALA C 126 -39.21 8.12 22.30
CA ALA C 126 -38.01 8.86 21.96
C ALA C 126 -36.77 7.97 21.96
N ALA C 127 -36.65 7.13 22.98
CA ALA C 127 -35.58 6.12 23.06
C ALA C 127 -35.57 5.22 21.83
N ARG C 128 -36.75 4.75 21.42
CA ARG C 128 -36.89 3.85 20.27
C ARG C 128 -36.65 4.55 18.94
N LEU C 129 -37.05 5.81 18.89
CA LEU C 129 -36.83 6.65 17.71
C LEU C 129 -35.35 6.97 17.49
N ALA C 130 -34.58 7.16 18.59
CA ALA C 130 -33.13 7.36 18.47
C ALA C 130 -32.45 6.15 17.83
N VAL C 131 -32.85 4.95 18.26
CA VAL C 131 -32.31 3.71 17.71
C VAL C 131 -32.71 3.63 16.23
N GLY C 132 -34.01 3.78 15.96
CA GLY C 132 -34.51 3.61 14.61
C GLY C 132 -34.02 4.65 13.62
N CYS C 133 -33.69 5.86 14.09
CA CYS C 133 -33.09 6.91 13.26
C CYS C 133 -31.68 6.49 12.82
N VAL C 134 -30.87 6.03 13.78
CA VAL C 134 -29.52 5.52 13.51
C VAL C 134 -29.58 4.32 12.56
N VAL C 135 -30.46 3.37 12.82
CA VAL C 135 -30.61 2.19 11.93
C VAL C 135 -30.98 2.61 10.51
N GLU C 136 -31.94 3.53 10.38
CA GLU C 136 -32.35 4.01 9.06
C GLU C 136 -31.19 4.63 8.27
N LEU C 137 -30.42 5.51 8.92
CA LEU C 137 -29.30 6.17 8.26
C LEU C 137 -28.19 5.19 7.93
N VAL C 138 -27.87 4.32 8.87
CA VAL C 138 -26.81 3.33 8.69
C VAL C 138 -27.09 2.42 7.47
N PHE C 139 -28.35 1.97 7.31
CA PHE C 139 -28.70 1.09 6.18
C PHE C 139 -28.63 1.80 4.82
N LYS C 140 -28.98 3.09 4.77
CA LYS C 140 -28.88 3.88 3.55
C LYS C 140 -27.44 4.03 3.09
N VAL C 141 -26.51 4.14 4.04
CA VAL C 141 -25.08 4.23 3.74
C VAL C 141 -24.52 2.87 3.33
N ALA C 142 -24.89 1.81 4.05
CA ALA C 142 -24.38 0.47 3.76
C ALA C 142 -24.88 -0.14 2.45
N THR C 143 -26.09 0.24 2.01
CA THR C 143 -26.65 -0.24 0.74
C THR C 143 -26.28 0.63 -0.47
N GLY C 144 -25.51 1.70 -0.27
CA GLY C 144 -25.05 2.54 -1.37
C GLY C 144 -26.00 3.66 -1.78
N GLU C 145 -27.05 3.87 -1.00
CA GLU C 145 -28.04 4.91 -1.31
C GLU C 145 -27.49 6.28 -0.94
N LEU C 146 -26.75 6.37 0.17
CA LEU C 146 -26.10 7.60 0.62
C LEU C 146 -24.61 7.36 0.83
N LYS C 147 -23.82 8.42 0.71
CA LYS C 147 -22.35 8.31 0.80
C LYS C 147 -21.89 8.01 2.24
N ASN C 148 -22.38 8.83 3.16
CA ASN C 148 -22.03 8.75 4.57
C ASN C 148 -23.15 9.46 5.34
N GLY C 149 -22.98 9.69 6.63
CA GLY C 149 -24.02 10.38 7.37
C GLY C 149 -23.75 10.73 8.82
N PHE C 150 -24.62 11.61 9.33
CA PHE C 150 -24.60 12.05 10.71
C PHE C 150 -26.02 11.96 11.32
N ALA C 151 -26.14 11.24 12.43
CA ALA C 151 -27.41 11.08 13.13
C ALA C 151 -27.50 12.01 14.34
N VAL C 152 -28.41 12.98 14.28
CA VAL C 152 -28.61 13.98 15.33
C VAL C 152 -29.65 13.42 16.30
N VAL C 153 -29.20 12.56 17.21
CA VAL C 153 -30.09 11.74 18.04
C VAL C 153 -29.86 11.90 19.54
N ARG C 154 -30.95 11.75 20.28
CA ARG C 154 -30.92 11.58 21.74
C ARG C 154 -32.17 10.76 22.13
N PRO C 155 -32.15 10.03 23.23
CA PRO C 155 -31.03 9.97 24.19
C PRO C 155 -29.85 9.16 23.66
N PRO C 156 -28.66 9.27 24.31
CA PRO C 156 -27.47 8.52 23.89
C PRO C 156 -27.59 7.01 24.18
N GLY C 157 -26.69 6.22 23.59
CA GLY C 157 -26.76 4.77 23.71
C GLY C 157 -25.60 4.02 24.35
N HIS C 158 -24.39 4.53 24.24
CA HIS C 158 -23.19 3.69 24.41
C HIS C 158 -22.89 3.15 25.81
N HIS C 159 -23.52 3.69 26.87
CA HIS C 159 -23.44 3.11 28.22
C HIS C 159 -24.49 2.03 28.50
N ALA C 160 -25.52 1.92 27.65
CA ALA C 160 -26.61 0.98 27.86
C ALA C 160 -26.13 -0.46 27.68
N GLU C 161 -26.30 -1.26 28.73
CA GLU C 161 -25.91 -2.65 28.71
C GLU C 161 -27.14 -3.50 28.45
N GLU C 162 -26.93 -4.81 28.31
CA GLU C 162 -28.01 -5.73 27.92
C GLU C 162 -29.29 -5.46 28.68
N SER C 163 -29.20 -5.46 30.00
CA SER C 163 -30.38 -5.34 30.86
C SER C 163 -30.28 -4.18 31.85
N THR C 164 -29.48 -3.16 31.54
CA THR C 164 -29.23 -2.06 32.49
C THR C 164 -29.05 -0.70 31.80
N PRO C 165 -29.93 0.27 32.09
CA PRO C 165 -29.65 1.63 31.62
C PRO C 165 -28.60 2.27 32.51
N MET C 166 -27.80 3.17 31.96
CA MET C 166 -26.88 3.99 32.76
C MET C 166 -26.33 5.15 31.96
N GLY C 167 -25.86 6.18 32.66
CA GLY C 167 -25.25 7.35 32.04
C GLY C 167 -26.16 8.06 31.07
N PHE C 168 -27.44 8.16 31.43
CA PHE C 168 -28.49 8.73 30.57
C PHE C 168 -28.76 7.97 29.27
N CYS C 169 -28.32 6.70 29.20
CA CYS C 169 -28.54 5.85 28.03
C CYS C 169 -29.54 4.74 28.41
N TYR C 170 -30.47 4.43 27.49
CA TYR C 170 -31.45 3.36 27.69
C TYR C 170 -31.27 2.19 26.72
N PHE C 171 -31.12 2.49 25.43
CA PHE C 171 -30.85 1.49 24.38
C PHE C 171 -29.62 1.88 23.56
N ASN C 172 -28.81 0.90 23.17
CA ASN C 172 -27.53 1.18 22.53
C ASN C 172 -27.77 1.22 21.03
N SER C 173 -28.06 2.43 20.55
CA SER C 173 -28.41 2.69 19.16
C SER C 173 -27.39 2.18 18.16
N VAL C 174 -26.14 2.58 18.36
CA VAL C 174 -25.05 2.17 17.47
C VAL C 174 -24.88 0.64 17.47
N ALA C 175 -24.99 0.01 18.63
CA ALA C 175 -24.87 -1.45 18.74
C ALA C 175 -25.99 -2.18 17.99
N VAL C 176 -27.21 -1.67 18.12
CA VAL C 176 -28.36 -2.27 17.45
C VAL C 176 -28.18 -2.18 15.93
N ALA C 177 -27.76 -1.00 15.46
CA ALA C 177 -27.46 -0.80 14.03
C ALA C 177 -26.42 -1.78 13.49
N ALA C 178 -25.32 -1.96 14.22
CA ALA C 178 -24.29 -2.94 13.83
C ALA C 178 -24.84 -4.37 13.76
N LYS C 179 -25.60 -4.79 14.76
CA LYS C 179 -26.22 -6.13 14.80
C LYS C 179 -27.14 -6.38 13.60
N LEU C 180 -27.94 -5.37 13.25
CA LEU C 180 -28.86 -5.50 12.13
C LEU C 180 -28.12 -5.51 10.79
N LEU C 181 -27.01 -4.78 10.67
CA LEU C 181 -26.18 -4.88 9.45
C LEU C 181 -25.69 -6.33 9.24
N GLN C 182 -25.28 -6.98 10.34
CA GLN C 182 -24.84 -8.39 10.32
C GLN C 182 -25.97 -9.34 9.95
N GLN C 183 -27.08 -9.25 10.66
CA GLN C 183 -28.21 -10.16 10.46
C GLN C 183 -28.97 -9.94 9.13
N ARG C 184 -29.17 -8.70 8.71
CA ARG C 184 -29.99 -8.41 7.52
C ARG C 184 -29.23 -8.24 6.23
N LEU C 185 -27.97 -7.84 6.29
CA LEU C 185 -27.13 -7.67 5.08
C LEU C 185 -25.84 -8.51 5.08
N SER C 186 -25.62 -9.34 6.10
CA SER C 186 -24.38 -10.15 6.22
C SER C 186 -23.10 -9.35 6.04
N VAL C 187 -23.07 -8.13 6.57
CA VAL C 187 -21.90 -7.27 6.43
C VAL C 187 -20.79 -7.93 7.25
N SER C 188 -19.72 -8.31 6.56
CA SER C 188 -18.72 -9.22 7.13
C SER C 188 -17.76 -8.54 8.12
N LYS C 189 -17.49 -7.24 7.93
CA LYS C 189 -16.60 -6.49 8.82
C LYS C 189 -17.12 -5.08 9.11
N ILE C 190 -17.32 -4.80 10.40
CA ILE C 190 -17.84 -3.52 10.88
C ILE C 190 -16.89 -2.91 11.91
N LEU C 191 -16.52 -1.65 11.72
CA LEU C 191 -15.66 -0.92 12.68
C LEU C 191 -16.53 0.05 13.47
N ILE C 192 -16.52 -0.06 14.79
CA ILE C 192 -17.11 0.96 15.65
C ILE C 192 -16.00 1.76 16.34
N VAL C 193 -15.93 3.05 16.01
CA VAL C 193 -15.08 4.01 16.69
C VAL C 193 -15.96 4.81 17.68
N ASP C 194 -15.47 4.96 18.90
CA ASP C 194 -16.17 5.67 19.96
C ASP C 194 -15.20 6.71 20.48
N TRP C 195 -15.38 7.95 20.02
CA TRP C 195 -14.50 9.06 20.42
C TRP C 195 -15.17 9.97 21.45
N ASP C 196 -16.31 9.54 21.97
CA ASP C 196 -16.86 10.12 23.19
C ASP C 196 -15.79 9.98 24.29
N VAL C 197 -15.63 11.01 25.10
CA VAL C 197 -14.59 11.04 26.12
C VAL C 197 -14.73 9.94 27.21
N HIS C 198 -15.91 9.33 27.29
CA HIS C 198 -16.19 8.24 28.22
C HIS C 198 -16.21 6.91 27.48
N HIS C 199 -15.89 5.86 28.22
CA HIS C 199 -15.91 4.51 27.68
C HIS C 199 -17.31 4.01 27.39
N GLY C 200 -17.52 3.45 26.20
CA GLY C 200 -18.79 2.89 25.82
C GLY C 200 -18.84 1.44 26.27
N ASN C 201 -19.09 1.26 27.57
CA ASN C 201 -19.15 -0.08 28.18
C ASN C 201 -20.21 -0.96 27.54
N GLY C 202 -21.32 -0.35 27.11
CA GLY C 202 -22.38 -1.08 26.45
C GLY C 202 -21.98 -1.66 25.12
N THR C 203 -21.32 -0.86 24.29
CA THR C 203 -20.86 -1.31 22.97
C THR C 203 -19.73 -2.34 23.10
N GLN C 204 -18.82 -2.15 24.06
CA GLN C 204 -17.80 -3.15 24.37
C GLN C 204 -18.42 -4.52 24.72
N GLN C 205 -19.39 -4.52 25.63
CA GLN C 205 -20.10 -5.75 26.01
C GLN C 205 -20.76 -6.47 24.81
N ALA C 206 -21.41 -5.71 23.93
CA ALA C 206 -22.18 -6.30 22.84
C ALA C 206 -21.36 -7.04 21.76
N PHE C 207 -20.09 -6.67 21.59
CA PHE C 207 -19.25 -7.23 20.53
C PHE C 207 -17.95 -7.87 21.06
N TYR C 208 -17.90 -8.17 22.36
CA TYR C 208 -16.65 -8.61 23.02
C TYR C 208 -16.11 -9.92 22.43
N SER C 209 -17.02 -10.83 22.05
CA SER C 209 -16.70 -12.14 21.45
C SER C 209 -16.58 -12.19 19.92
N ASP C 210 -16.96 -11.11 19.24
CA ASP C 210 -17.18 -11.11 17.79
C ASP C 210 -15.97 -10.56 17.01
N PRO C 211 -15.27 -11.41 16.23
CA PRO C 211 -14.14 -10.90 15.43
C PRO C 211 -14.55 -10.10 14.18
N SER C 212 -15.80 -10.22 13.77
CA SER C 212 -16.33 -9.46 12.63
C SER C 212 -16.71 -8.01 12.98
N VAL C 213 -16.67 -7.66 14.27
CA VAL C 213 -16.84 -6.27 14.69
C VAL C 213 -15.66 -5.81 15.55
N LEU C 214 -14.99 -4.77 15.09
CA LEU C 214 -13.87 -4.16 15.79
C LEU C 214 -14.35 -2.92 16.56
N TYR C 215 -14.34 -2.98 17.89
CA TYR C 215 -14.69 -1.83 18.74
C TYR C 215 -13.44 -1.09 19.16
N MET C 216 -13.32 0.19 18.78
CA MET C 216 -12.20 1.04 19.17
C MET C 216 -12.71 2.28 19.90
N SER C 217 -12.39 2.38 21.20
CA SER C 217 -12.78 3.52 22.02
C SER C 217 -11.56 4.33 22.39
N LEU C 218 -11.62 5.63 22.13
CA LEU C 218 -10.70 6.60 22.71
C LEU C 218 -11.44 7.24 23.88
N HIS C 219 -10.90 7.11 25.09
CA HIS C 219 -11.59 7.64 26.26
C HIS C 219 -10.62 8.04 27.38
N ARG C 220 -11.07 8.96 28.21
CA ARG C 220 -10.38 9.26 29.43
C ARG C 220 -10.55 8.07 30.36
N TYR C 221 -9.43 7.44 30.74
CA TYR C 221 -9.46 6.24 31.58
C TYR C 221 -8.92 6.48 33.00
N ASP C 222 -7.81 7.21 33.13
CA ASP C 222 -7.14 7.46 34.42
C ASP C 222 -7.10 6.24 35.35
N ASP C 223 -6.60 5.12 34.81
CA ASP C 223 -6.44 3.84 35.54
C ASP C 223 -7.73 3.26 36.14
N GLY C 224 -8.87 3.56 35.54
CA GLY C 224 -10.17 3.10 36.04
C GLY C 224 -10.85 4.02 37.03
N ASN C 225 -10.31 5.21 37.23
CA ASN C 225 -10.80 6.13 38.26
C ASN C 225 -11.56 7.32 37.68
N PHE C 226 -12.10 7.14 36.47
CA PHE C 226 -12.99 8.12 35.83
C PHE C 226 -14.32 7.42 35.58
N PHE C 227 -15.27 8.10 34.96
CA PHE C 227 -16.58 7.54 34.64
C PHE C 227 -16.59 6.90 33.25
N PRO C 228 -17.14 5.69 33.09
CA PRO C 228 -17.80 4.91 34.14
C PRO C 228 -16.86 4.07 35.03
N GLY C 229 -15.59 3.94 34.65
CA GLY C 229 -14.62 3.12 35.39
C GLY C 229 -14.08 1.91 34.63
N SER C 230 -14.70 1.61 33.50
CA SER C 230 -14.34 0.49 32.63
C SER C 230 -13.50 0.99 31.48
N GLY C 231 -12.93 0.04 30.73
CA GLY C 231 -12.22 0.33 29.48
C GLY C 231 -10.71 0.33 29.61
N ALA C 232 -10.19 -0.72 30.24
CA ALA C 232 -8.76 -0.89 30.45
C ALA C 232 -8.09 -1.28 29.12
N PRO C 233 -6.83 -0.85 28.92
CA PRO C 233 -6.10 -1.26 27.71
C PRO C 233 -5.96 -2.77 27.49
N ASP C 234 -5.93 -3.54 28.58
CA ASP C 234 -5.74 -4.99 28.49
C ASP C 234 -7.05 -5.78 28.23
N GLU C 235 -8.20 -5.10 28.17
CA GLU C 235 -9.45 -5.71 27.72
C GLU C 235 -9.41 -5.73 26.20
N VAL C 236 -9.05 -6.89 25.64
CA VAL C 236 -8.78 -7.07 24.20
C VAL C 236 -9.82 -7.92 23.45
N GLY C 237 -10.87 -8.32 24.16
CA GLY C 237 -11.89 -9.21 23.63
C GLY C 237 -11.81 -10.56 24.29
N THR C 238 -12.56 -11.52 23.75
CA THR C 238 -12.64 -12.86 24.33
C THR C 238 -12.99 -13.88 23.24
N GLY C 239 -12.54 -15.12 23.45
CA GLY C 239 -12.82 -16.22 22.53
C GLY C 239 -12.35 -15.88 21.13
N PRO C 240 -13.23 -16.06 20.11
CA PRO C 240 -12.87 -15.66 18.74
C PRO C 240 -12.54 -14.16 18.55
N GLY C 241 -13.09 -13.30 19.41
CA GLY C 241 -12.89 -11.84 19.30
C GLY C 241 -11.67 -11.26 19.97
N VAL C 242 -10.71 -12.11 20.34
CA VAL C 242 -9.47 -11.68 20.98
C VAL C 242 -8.70 -10.78 20.01
N GLY C 243 -8.29 -9.61 20.52
CA GLY C 243 -7.59 -8.60 19.72
C GLY C 243 -8.45 -7.64 18.91
N PHE C 244 -9.77 -7.83 18.93
CA PHE C 244 -10.72 -7.01 18.17
C PHE C 244 -11.46 -5.98 19.06
N ASN C 245 -11.01 -5.83 20.31
CA ASN C 245 -11.48 -4.76 21.22
C ASN C 245 -10.26 -3.91 21.57
N VAL C 246 -10.30 -2.63 21.21
CA VAL C 246 -9.17 -1.71 21.38
C VAL C 246 -9.56 -0.52 22.25
N ASN C 247 -9.16 -0.56 23.50
CA ASN C 247 -9.36 0.55 24.42
C ASN C 247 -8.15 1.47 24.41
N MET C 248 -8.20 2.48 23.55
CA MET C 248 -7.20 3.54 23.54
C MET C 248 -7.46 4.41 24.76
N ALA C 249 -7.08 3.85 25.92
CA ALA C 249 -7.39 4.44 27.22
C ALA C 249 -6.29 5.43 27.55
N PHE C 250 -6.66 6.72 27.65
CA PHE C 250 -5.74 7.77 28.07
C PHE C 250 -5.68 7.79 29.57
N THR C 251 -4.47 7.86 30.12
CA THR C 251 -4.29 7.80 31.57
C THR C 251 -3.25 8.83 32.04
N GLY C 252 -3.30 9.12 33.34
CA GLY C 252 -2.43 10.13 33.96
C GLY C 252 -3.14 11.41 34.36
N GLY C 253 -4.47 11.46 34.22
CA GLY C 253 -5.26 12.60 34.68
C GLY C 253 -5.23 13.79 33.73
N LEU C 254 -5.36 14.98 34.31
CA LEU C 254 -5.38 16.24 33.56
C LEU C 254 -4.08 17.01 33.80
N ASP C 255 -2.95 16.30 33.63
CA ASP C 255 -1.62 16.78 34.00
C ASP C 255 -0.61 16.57 32.86
N PRO C 256 -0.70 17.32 31.75
CA PRO C 256 -1.78 18.26 31.44
C PRO C 256 -2.99 17.56 30.78
N PRO C 257 -4.09 18.31 30.53
CA PRO C 257 -5.24 17.71 29.84
C PRO C 257 -4.93 17.34 28.39
N MET C 258 -5.52 16.26 27.91
CA MET C 258 -5.33 15.85 26.53
C MET C 258 -5.94 16.91 25.59
N GLY C 259 -5.30 17.12 24.46
CA GLY C 259 -5.71 18.09 23.45
C GLY C 259 -5.62 17.53 22.04
N ASP C 260 -5.73 18.43 21.07
CA ASP C 260 -5.66 18.09 19.64
C ASP C 260 -4.43 17.24 19.27
N ALA C 261 -3.27 17.67 19.77
CA ALA C 261 -2.01 16.96 19.50
C ALA C 261 -2.04 15.49 19.94
N GLU C 262 -2.69 15.22 21.07
CA GLU C 262 -2.71 13.87 21.65
C GLU C 262 -3.68 12.93 20.94
N TYR C 263 -4.85 13.44 20.54
CA TYR C 263 -5.82 12.65 19.75
C TYR C 263 -5.36 12.40 18.32
N LEU C 264 -4.72 13.39 17.68
CA LEU C 264 -4.13 13.19 16.35
C LEU C 264 -3.02 12.14 16.37
N ALA C 265 -2.17 12.18 17.39
CA ALA C 265 -1.13 11.15 17.56
C ALA C 265 -1.74 9.76 17.78
N ALA C 266 -2.81 9.67 18.56
CA ALA C 266 -3.51 8.39 18.77
C ALA C 266 -4.13 7.82 17.49
N PHE C 267 -4.68 8.70 16.65
CA PHE C 267 -5.20 8.28 15.34
C PHE C 267 -4.09 7.83 14.38
N ARG C 268 -3.00 8.60 14.30
CA ARG C 268 -1.86 8.27 13.42
C ARG C 268 -1.16 6.99 13.82
N THR C 269 -0.92 6.82 15.13
CA THR C 269 -0.13 5.69 15.64
C THR C 269 -0.94 4.44 16.06
N VAL C 270 -2.19 4.60 16.47
CA VAL C 270 -3.01 3.45 16.95
C VAL C 270 -4.27 3.17 16.15
N VAL C 271 -5.14 4.17 15.97
CA VAL C 271 -6.47 3.94 15.38
C VAL C 271 -6.39 3.61 13.88
N MET C 272 -5.71 4.44 13.11
CA MET C 272 -5.66 4.26 11.66
C MET C 272 -4.84 3.05 11.19
N PRO C 273 -3.68 2.76 11.82
CA PRO C 273 -2.98 1.52 11.44
C PRO C 273 -3.78 0.24 11.70
N ILE C 274 -4.47 0.15 12.84
CA ILE C 274 -5.31 -1.02 13.13
C ILE C 274 -6.54 -1.06 12.21
N ALA C 275 -7.26 0.06 12.12
CA ALA C 275 -8.49 0.12 11.32
C ALA C 275 -8.22 -0.15 9.84
N SER C 276 -7.10 0.35 9.33
CA SER C 276 -6.67 0.06 7.94
C SER C 276 -6.35 -1.42 7.74
N GLU C 277 -5.74 -2.06 8.75
CA GLU C 277 -5.46 -3.49 8.67
C GLU C 277 -6.73 -4.33 8.79
N PHE C 278 -7.66 -3.91 9.65
CA PHE C 278 -8.96 -4.59 9.79
C PHE C 278 -9.75 -4.51 8.50
N ALA C 279 -9.67 -3.37 7.83
CA ALA C 279 -10.30 -3.13 6.52
C ALA C 279 -11.83 -3.33 6.58
N PRO C 280 -12.52 -2.50 7.39
CA PRO C 280 -13.96 -2.69 7.54
C PRO C 280 -14.77 -2.37 6.28
N ASP C 281 -15.92 -3.02 6.14
CA ASP C 281 -16.90 -2.71 5.08
C ASP C 281 -17.77 -1.49 5.43
N VAL C 282 -17.98 -1.25 6.73
CA VAL C 282 -18.73 -0.10 7.25
C VAL C 282 -18.06 0.43 8.53
N VAL C 283 -18.02 1.76 8.68
CA VAL C 283 -17.54 2.39 9.91
C VAL C 283 -18.73 3.07 10.60
N LEU C 284 -19.01 2.67 11.85
CA LEU C 284 -19.97 3.37 12.73
C LEU C 284 -19.20 4.17 13.75
N VAL C 285 -19.64 5.39 14.03
CA VAL C 285 -18.95 6.24 15.00
C VAL C 285 -19.91 6.64 16.13
N SER C 286 -19.56 6.24 17.36
CA SER C 286 -20.16 6.80 18.57
C SER C 286 -19.55 8.19 18.82
N SER C 287 -20.19 9.20 18.26
CA SER C 287 -19.60 10.52 18.12
C SER C 287 -20.08 11.42 19.24
N GLY C 288 -19.48 11.22 20.42
CA GLY C 288 -19.64 12.13 21.52
C GLY C 288 -18.70 13.28 21.32
N PHE C 289 -19.08 14.46 21.77
CA PHE C 289 -18.26 15.65 21.65
C PHE C 289 -17.88 16.23 23.01
N ASP C 290 -17.91 15.38 24.04
CA ASP C 290 -17.56 15.83 25.40
C ASP C 290 -16.03 15.95 25.66
N ALA C 291 -15.20 15.55 24.69
CA ALA C 291 -13.74 15.81 24.77
C ALA C 291 -13.39 17.27 24.41
N VAL C 292 -14.31 17.97 23.76
CA VAL C 292 -14.08 19.38 23.42
C VAL C 292 -13.96 20.22 24.69
N GLU C 293 -13.07 21.22 24.65
CA GLU C 293 -12.91 22.18 25.74
C GLU C 293 -14.23 22.83 26.12
N GLY C 294 -14.41 23.07 27.42
CA GLY C 294 -15.65 23.62 27.95
C GLY C 294 -16.54 22.60 28.64
N HIS C 295 -16.07 21.35 28.74
CA HIS C 295 -16.71 20.32 29.56
C HIS C 295 -15.85 20.11 30.79
N PRO C 296 -16.34 20.52 31.98
CA PRO C 296 -15.55 20.27 33.19
C PRO C 296 -15.70 18.82 33.61
N THR C 297 -14.71 18.33 34.37
CA THR C 297 -14.77 16.98 34.93
C THR C 297 -16.00 16.90 35.88
N PRO C 298 -16.76 15.80 35.91
CA PRO C 298 -16.53 14.56 35.17
C PRO C 298 -17.31 14.39 33.84
N LEU C 299 -17.86 15.47 33.29
CA LEU C 299 -18.40 15.42 31.93
C LEU C 299 -17.28 15.28 30.89
N GLY C 300 -16.07 15.74 31.21
CA GLY C 300 -14.93 15.64 30.29
C GLY C 300 -13.63 16.01 30.98
N GLY C 301 -13.14 17.23 30.73
CA GLY C 301 -11.89 17.70 31.28
C GLY C 301 -10.77 17.80 30.25
N TYR C 302 -11.03 17.39 29.01
CA TYR C 302 -10.07 17.54 27.90
C TYR C 302 -10.29 18.83 27.14
N ASN C 303 -9.33 19.18 26.29
CA ASN C 303 -9.28 20.48 25.61
C ASN C 303 -9.16 20.34 24.10
N LEU C 304 -9.90 19.41 23.51
CA LEU C 304 -9.97 19.31 22.04
C LEU C 304 -10.68 20.54 21.49
N SER C 305 -10.30 20.91 20.28
CA SER C 305 -11.03 21.91 19.51
C SER C 305 -12.09 21.17 18.70
N ALA C 306 -13.16 21.89 18.40
CA ALA C 306 -14.18 21.43 17.46
C ALA C 306 -13.61 21.06 16.10
N ARG C 307 -12.70 21.90 15.58
CA ARG C 307 -12.01 21.63 14.29
C ARG C 307 -11.35 20.26 14.21
N CYS C 308 -10.77 19.82 15.32
CA CYS C 308 -10.03 18.54 15.36
C CYS C 308 -10.91 17.37 14.96
N PHE C 309 -12.18 17.40 15.36
CA PHE C 309 -13.15 16.37 14.94
C PHE C 309 -13.37 16.33 13.42
N GLY C 310 -13.30 17.48 12.75
CA GLY C 310 -13.22 17.51 11.29
C GLY C 310 -12.10 16.64 10.73
N TYR C 311 -10.89 16.80 11.29
CA TYR C 311 -9.72 16.00 10.92
C TYR C 311 -9.92 14.50 11.18
N LEU C 312 -10.49 14.17 12.34
CA LEU C 312 -10.72 12.76 12.68
C LEU C 312 -11.74 12.10 11.76
N THR C 313 -12.82 12.82 11.48
CA THR C 313 -13.84 12.37 10.51
C THR C 313 -13.20 12.14 9.14
N LYS C 314 -12.45 13.13 8.67
CA LYS C 314 -11.74 13.03 7.38
C LYS C 314 -10.81 11.80 7.29
N GLN C 315 -10.15 11.42 8.38
CA GLN C 315 -9.31 10.19 8.40
C GLN C 315 -10.16 8.91 8.31
N LEU C 316 -11.24 8.83 9.08
CA LEU C 316 -12.09 7.63 9.05
C LEU C 316 -12.81 7.46 7.69
N MET C 317 -13.11 8.57 7.03
CA MET C 317 -13.69 8.57 5.68
C MET C 317 -12.84 7.85 4.65
N GLY C 318 -11.52 7.79 4.86
CA GLY C 318 -10.63 7.00 4.01
C GLY C 318 -10.82 5.49 4.08
N LEU C 319 -11.58 5.00 5.06
CA LEU C 319 -11.90 3.57 5.20
C LEU C 319 -13.25 3.23 4.59
N ALA C 320 -13.47 1.92 4.37
CA ALA C 320 -14.79 1.36 4.03
C ALA C 320 -15.47 1.93 2.77
N GLY C 321 -14.65 2.36 1.81
CA GLY C 321 -15.12 3.10 0.64
C GLY C 321 -15.92 4.35 0.98
N GLY C 322 -15.59 5.00 2.10
CA GLY C 322 -16.34 6.17 2.58
C GLY C 322 -17.61 5.90 3.39
N ARG C 323 -18.00 4.63 3.54
CA ARG C 323 -19.27 4.26 4.21
C ARG C 323 -19.12 4.39 5.73
N ILE C 324 -19.27 5.63 6.22
CA ILE C 324 -19.21 5.92 7.63
C ILE C 324 -20.48 6.66 8.10
N VAL C 325 -20.94 6.33 9.31
CA VAL C 325 -22.03 7.05 9.95
C VAL C 325 -21.66 7.43 11.38
N LEU C 326 -21.78 8.71 11.66
CA LEU C 326 -21.63 9.26 13.01
C LEU C 326 -23.00 9.36 13.67
N ALA C 327 -23.10 8.95 14.93
CA ALA C 327 -24.31 9.10 15.73
C ALA C 327 -23.98 9.85 17.02
N LEU C 328 -24.74 10.89 17.34
CA LEU C 328 -24.51 11.68 18.56
C LEU C 328 -24.62 10.81 19.83
N GLU C 329 -23.65 10.99 20.74
CA GLU C 329 -23.66 10.37 22.06
C GLU C 329 -23.67 11.52 23.07
N GLY C 330 -22.58 11.72 23.83
CA GLY C 330 -22.48 12.79 24.79
C GLY C 330 -22.00 14.10 24.20
N GLY C 331 -21.61 15.01 25.07
CA GLY C 331 -21.37 16.40 24.70
C GLY C 331 -22.58 17.21 25.14
N HIS C 332 -22.30 18.24 25.91
CA HIS C 332 -23.27 18.96 26.73
C HIS C 332 -23.26 20.47 26.40
N ASP C 333 -22.06 21.07 26.43
CA ASP C 333 -21.87 22.46 26.06
C ASP C 333 -22.35 22.73 24.64
N LEU C 334 -23.38 23.57 24.52
CA LEU C 334 -24.09 23.75 23.25
C LEU C 334 -23.21 24.29 22.13
N THR C 335 -22.36 25.27 22.43
CA THR C 335 -21.44 25.85 21.45
C THR C 335 -20.44 24.80 20.96
N ALA C 336 -19.85 24.06 21.89
CA ALA C 336 -18.93 22.97 21.57
C ALA C 336 -19.52 21.89 20.65
N ILE C 337 -20.70 21.39 21.00
CA ILE C 337 -21.34 20.32 20.22
C ILE C 337 -21.87 20.80 18.86
N CYS C 338 -22.29 22.05 18.80
CA CYS C 338 -22.65 22.68 17.53
C CYS C 338 -21.44 22.96 16.63
N ASP C 339 -20.35 23.49 17.20
CA ASP C 339 -19.10 23.70 16.44
C ASP C 339 -18.57 22.36 15.92
N ALA C 340 -18.61 21.32 16.78
CA ALA C 340 -18.09 20.00 16.42
C ALA C 340 -18.96 19.28 15.39
N SER C 341 -20.27 19.43 15.51
CA SER C 341 -21.22 18.86 14.53
C SER C 341 -21.04 19.48 13.15
N GLU C 342 -20.92 20.82 13.13
CA GLU C 342 -20.63 21.58 11.90
C GLU C 342 -19.36 21.09 11.22
N ALA C 343 -18.28 20.95 11.99
CA ALA C 343 -17.00 20.46 11.45
C ALA C 343 -17.07 19.03 10.90
N CYS C 344 -17.77 18.14 11.60
CA CYS C 344 -17.90 16.75 11.13
C CYS C 344 -18.72 16.67 9.87
N VAL C 345 -19.89 17.31 9.87
CA VAL C 345 -20.79 17.28 8.72
C VAL C 345 -20.12 17.95 7.52
N SER C 346 -19.46 19.08 7.75
CA SER C 346 -18.66 19.72 6.72
C SER C 346 -17.59 18.79 6.12
N ALA C 347 -16.91 18.03 6.98
CA ALA C 347 -15.93 17.05 6.52
C ALA C 347 -16.59 15.89 5.76
N LEU C 348 -17.75 15.42 6.25
CA LEU C 348 -18.54 14.39 5.57
C LEU C 348 -18.97 14.78 4.15
N LEU C 349 -19.29 16.06 3.95
CA LEU C 349 -19.62 16.59 2.61
C LEU C 349 -18.41 16.83 1.69
N GLY C 350 -17.20 16.74 2.23
CA GLY C 350 -15.97 16.92 1.45
C GLY C 350 -15.50 18.36 1.31
N ASN C 351 -15.96 19.25 2.20
CA ASN C 351 -15.43 20.62 2.24
C ASN C 351 -14.01 20.60 2.85
N GLU C 352 -13.22 21.63 2.55
CA GLU C 352 -11.78 21.67 2.91
C GLU C 352 -11.41 21.25 4.35
N LYS C 359 -0.39 25.39 13.61
CA LYS C 359 0.81 25.38 14.45
C LYS C 359 0.86 24.20 15.42
N VAL C 360 -0.29 23.86 16.03
CA VAL C 360 -0.38 22.77 17.03
C VAL C 360 -0.23 21.36 16.43
N LEU C 361 -0.28 21.27 15.09
CA LEU C 361 0.08 20.05 14.38
C LEU C 361 1.54 19.61 14.61
N GLN C 362 2.39 20.55 15.07
CA GLN C 362 3.80 20.29 15.39
C GLN C 362 4.15 20.24 16.90
N GLN C 363 3.15 20.43 17.77
CA GLN C 363 3.32 20.21 19.22
C GLN C 363 3.47 18.71 19.47
N ARG C 364 4.41 18.35 20.35
CA ARG C 364 4.61 16.95 20.72
C ARG C 364 3.47 16.52 21.66
N PRO C 365 2.96 15.27 21.51
CA PRO C 365 2.01 14.77 22.51
C PRO C 365 2.60 14.79 23.91
N ASN C 366 1.78 15.00 24.94
CA ASN C 366 2.29 15.01 26.32
C ASN C 366 2.67 13.59 26.75
N ALA C 367 3.50 13.52 27.79
CA ALA C 367 4.13 12.27 28.25
C ALA C 367 3.12 11.24 28.71
N ASN C 368 2.06 11.71 29.36
CA ASN C 368 0.93 10.85 29.72
C ASN C 368 0.31 10.17 28.49
N ALA C 369 0.11 10.93 27.41
CA ALA C 369 -0.46 10.38 26.16
C ALA C 369 0.48 9.36 25.52
N VAL C 370 1.76 9.71 25.44
CA VAL C 370 2.80 8.81 24.90
C VAL C 370 2.76 7.47 25.63
N ARG C 371 2.84 7.50 26.96
CA ARG C 371 2.76 6.26 27.78
C ARG C 371 1.45 5.49 27.56
N SER C 372 0.34 6.22 27.44
CA SER C 372 -0.96 5.60 27.16
C SER C 372 -0.96 4.88 25.81
N MET C 373 -0.44 5.55 24.78
CA MET C 373 -0.35 4.94 23.45
C MET C 373 0.61 3.75 23.41
N GLU C 374 1.79 3.92 24.02
CA GLU C 374 2.77 2.83 24.12
C GLU C 374 2.23 1.58 24.82
N LYS C 375 1.48 1.77 25.92
CA LYS C 375 0.82 0.68 26.64
C LYS C 375 -0.14 -0.11 25.73
N VAL C 376 -0.96 0.64 24.99
CA VAL C 376 -1.93 0.07 24.04
C VAL C 376 -1.18 -0.63 22.89
N MET C 377 -0.21 0.07 22.30
CA MET C 377 0.59 -0.48 21.18
C MET C 377 1.32 -1.78 21.56
N GLU C 378 1.90 -1.81 22.75
CA GLU C 378 2.52 -3.03 23.29
C GLU C 378 1.55 -4.21 23.37
N ILE C 379 0.36 -4.00 23.93
CA ILE C 379 -0.65 -5.06 24.08
C ILE C 379 -1.14 -5.57 22.72
N HIS C 380 -1.41 -4.64 21.80
CA HIS C 380 -2.00 -5.01 20.50
C HIS C 380 -0.98 -5.41 19.43
N SER C 381 0.32 -5.33 19.76
CA SER C 381 1.39 -5.94 18.95
C SER C 381 1.22 -7.46 18.80
N LYS C 382 0.59 -8.11 19.78
CA LYS C 382 0.28 -9.53 19.69
C LYS C 382 -0.71 -9.89 18.58
N TYR C 383 -1.63 -8.98 18.25
CA TYR C 383 -2.75 -9.27 17.35
C TYR C 383 -2.76 -8.52 16.00
N TRP C 384 -1.87 -7.54 15.82
CA TRP C 384 -1.90 -6.65 14.65
C TRP C 384 -0.53 -6.48 14.01
N ARG C 385 -0.38 -7.06 12.82
CA ARG C 385 0.83 -6.95 11.98
C ARG C 385 1.41 -5.53 11.93
N CYS C 386 0.54 -4.54 11.83
CA CYS C 386 0.96 -3.13 11.76
C CYS C 386 1.68 -2.63 13.02
N LEU C 387 1.45 -3.28 14.18
CA LEU C 387 2.12 -2.92 15.44
C LEU C 387 3.18 -3.95 15.92
N GLN C 388 3.64 -4.83 15.02
CA GLN C 388 4.53 -5.96 15.36
C GLN C 388 5.86 -5.61 16.06
N ARG C 389 6.40 -4.42 15.80
CA ARG C 389 7.68 -4.02 16.42
C ARG C 389 7.59 -3.37 17.83
N HIS C 390 6.41 -3.35 18.45
CA HIS C 390 6.21 -2.75 19.79
C HIS C 390 5.99 -3.78 20.90
C4 EBE D . -7.34 -31.02 -8.94
C5 EBE D . -8.58 -31.41 -8.45
C6 EBE D . -9.58 -31.96 -9.28
C7 EBE D . -10.93 -32.38 -8.74
C8 EBE D . -11.19 -32.44 -7.36
C3 EBE D . -7.03 -31.16 -10.29
C2 EBE D . -8.00 -31.69 -11.13
C10 EBE D . -13.39 -33.18 -7.75
C1 EBE D . -9.25 -32.08 -10.64
C19 EBE D . -5.11 -33.22 -10.93
C12 EBE D . -11.99 -32.75 -9.59
C13 EBE D . -5.68 -30.73 -10.77
C14 EBE D . -4.74 -31.87 -10.99
C18 EBE D . -4.17 -34.23 -11.15
N9 EBE D . -12.40 -32.83 -6.91
C20 EBE D . -5.82 -29.95 -12.07
C24 EBE D . -14.74 -33.59 -7.21
O21 EBE D . -5.64 -30.49 -13.15
N22 EBE D . -6.12 -28.65 -11.97
O23 EBE D . -6.26 -27.88 -13.12
C17 EBE D . -2.85 -33.90 -11.43
C16 EBE D . -2.48 -32.57 -11.51
C15 EBE D . -3.41 -31.56 -11.28
F25 EBE D . -3.00 -30.28 -11.37
N11 EBE D . -13.18 -33.12 -9.08
ZN ZN E . -6.56 -29.20 -14.68
ZN ZN F . -0.58 -41.21 0.75
NA NA G . -6.39 -8.46 -15.59
C4 EBE H . 11.57 23.03 -4.07
C5 EBE H . 10.75 23.67 -5.00
C6 EBE H . 11.10 24.91 -5.54
C7 EBE H . 10.23 25.61 -6.54
C8 EBE H . 10.33 26.99 -6.77
C3 EBE H . 12.76 23.61 -3.64
C2 EBE H . 13.12 24.85 -4.16
C10 EBE H . 8.58 26.90 -8.36
C1 EBE H . 12.30 25.48 -5.09
C19 EBE H . 11.81 23.66 -0.91
C12 EBE H . 9.22 24.93 -7.26
C13 EBE H . 13.63 22.97 -2.61
C14 EBE H . 13.09 23.16 -1.22
C18 EBE H . 11.37 23.78 0.41
N9 EBE H . 9.52 27.60 -7.66
C20 EBE H . 13.85 21.51 -2.93
C24 EBE H . 7.69 27.61 -9.34
O21 EBE H . 13.26 20.61 -2.36
N22 EBE H . 14.73 21.23 -3.88
O23 EBE H . 14.96 19.89 -4.21
C17 EBE H . 12.22 23.40 1.44
C16 EBE H . 13.49 22.90 1.16
C15 EBE H . 13.92 22.78 -0.16
F25 EBE H . 15.15 22.28 -0.41
N11 EBE H . 8.44 25.58 -8.15
ZN ZN I . 13.30 18.86 -3.56
ZN ZN J . 11.46 37.14 5.27
NA NA K . 29.78 10.75 -13.75
C4 EBE L . -21.52 11.82 31.32
C5 EBE L . -21.13 11.77 32.64
C6 EBE L . -21.85 11.04 33.60
C7 EBE L . -21.44 10.99 35.04
C8 EBE L . -22.34 10.57 36.04
C3 EBE L . -22.68 11.15 30.89
C2 EBE L . -23.41 10.44 31.83
C10 EBE L . -20.74 10.93 37.71
C1 EBE L . -23.01 10.38 33.15
C19 EBE L . -23.78 13.66 29.96
C12 EBE L . -20.16 11.39 35.48
C13 EBE L . -23.16 11.19 29.48
C14 EBE L . -23.80 12.51 29.14
C18 EBE L . -24.40 14.84 29.56
N9 EBE L . -21.97 10.54 37.33
C20 EBE L . -22.01 10.89 28.52
C24 EBE L . -20.39 10.88 39.17
O21 EBE L . -21.40 11.80 27.97
N22 EBE L . -21.70 9.61 28.29
O23 EBE L . -20.66 9.28 27.43
C17 EBE L . -25.05 14.90 28.33
C16 EBE L . -25.08 13.77 27.51
C15 EBE L . -24.47 12.59 27.92
F25 EBE L . -24.50 11.52 27.11
N11 EBE L . -19.85 11.35 36.79
ZN ZN M . -19.52 10.96 27.27
ZN ZN N . -36.94 18.35 36.12
NA NA O . -15.35 -7.54 18.62
#